data_2ZXD
#
_entry.id   2ZXD
#
_cell.length_a   181.012
_cell.length_b   181.012
_cell.length_c   170.322
_cell.angle_alpha   90.00
_cell.angle_beta   90.00
_cell.angle_gamma   120.00
#
_symmetry.space_group_name_H-M   'H 3 2'
#
loop_
_entity.id
_entity.type
_entity.pdbx_description
1 polymer 'Alpha-L-fucosidase, putative'
2 non-polymer (2S,3R,4S,5R)-2-(1-methylethyl)piperidine-3,4,5-triol
3 water water
#
_entity_poly.entity_id   1
_entity_poly.type   'polypeptide(L)'
_entity_poly.pdbx_seq_one_letter_code
;MISMKPRYKPDWESLREHTVPKWFDKAKFGIFIHWGIYSVPGWATPTGELGKVPMDAWFFQNPYAEWYENSLRIKESPTW
EYHVKTYGENFEYEKFADLFTAEKWDPQEWADLFKKAGAKYVIPTTKHHDGFCLWGTKYTDFNSVKRGPKRDLVGDLAKA
VREAGLRFGVYYSGGLDWRFTTEPIRYPEDLSYIRPNTYEYADYAYKQVMELVDLYLPDVLWNDMGWPEKGKEDLKYLFA
YYYNKHPEGSVNDRWGVPHWDFKTAEYHVNYPGDLPGYKWEFTRGIGLSFGYNRNEGPEHMLSVEQLVYTLVDVVSKGGN
LLLNVGPKGDGTIPDLQKERLLGLGEWLRKYGDAIYGTSVWERCCAKTEDGTEIRFTRKCNRIFVIFLGIPTGEKIVIED
LNLSAGTVRHFLTGERLSFKNVGKNLEITVPKKLLETDSITLVLEAVEEHHHHHH
;
_entity_poly.pdbx_strand_id   A,B
#
loop_
_chem_comp.id
_chem_comp.type
_chem_comp.name
_chem_comp.formula
ZXD non-polymer (2S,3R,4S,5R)-2-(1-methylethyl)piperidine-3,4,5-triol 'C8 H17 N O3'
#
# COMPACT_ATOMS: atom_id res chain seq x y z
N ARG A 7 9.99 -13.45 6.15
CA ARG A 7 10.09 -12.68 7.42
C ARG A 7 10.42 -11.18 7.20
N TYR A 8 9.84 -10.29 8.00
CA TYR A 8 10.14 -8.89 7.85
C TYR A 8 11.50 -8.65 8.51
N LYS A 9 12.24 -7.67 7.99
CA LYS A 9 13.57 -7.37 8.51
C LYS A 9 13.51 -6.04 9.19
N PRO A 10 14.42 -5.79 10.14
CA PRO A 10 14.44 -4.52 10.86
C PRO A 10 15.05 -3.32 10.12
N ASP A 11 14.43 -2.93 9.01
CA ASP A 11 14.86 -1.73 8.30
C ASP A 11 13.63 -1.20 7.59
N TRP A 12 13.57 0.12 7.43
CA TRP A 12 12.38 0.75 6.85
C TRP A 12 11.97 0.26 5.47
N GLU A 13 13.00 -0.10 4.70
CA GLU A 13 12.81 -0.52 3.32
C GLU A 13 12.03 -1.83 3.27
N SER A 14 12.40 -2.73 4.17
CA SER A 14 11.78 -4.04 4.32
C SER A 14 10.40 -3.92 5.02
N LEU A 15 10.31 -3.05 6.01
CA LEU A 15 9.05 -2.87 6.71
C LEU A 15 7.96 -2.32 5.77
N ARG A 16 8.37 -1.61 4.72
CA ARG A 16 7.45 -1.04 3.73
C ARG A 16 6.67 -2.17 3.04
N GLU A 17 7.19 -3.39 3.08
CA GLU A 17 6.51 -4.52 2.50
C GLU A 17 5.20 -4.82 3.24
N HIS A 18 5.10 -4.39 4.49
CA HIS A 18 3.88 -4.66 5.25
C HIS A 18 2.87 -3.59 4.95
N THR A 19 1.74 -3.96 4.37
CA THR A 19 0.72 -2.96 4.10
C THR A 19 -0.45 -3.16 5.05
N VAL A 20 -1.34 -2.18 5.11
CA VAL A 20 -2.49 -2.29 5.98
C VAL A 20 -3.25 -3.61 5.71
N PRO A 21 -3.51 -4.36 6.79
CA PRO A 21 -4.21 -5.64 6.69
C PRO A 21 -5.61 -5.38 6.17
N LYS A 22 -6.07 -6.37 5.38
CA LYS A 22 -7.37 -6.31 4.75
C LYS A 22 -8.49 -6.21 5.81
N TRP A 23 -8.36 -6.86 6.96
CA TRP A 23 -9.46 -6.76 7.95
C TRP A 23 -9.68 -5.29 8.45
N PHE A 24 -8.62 -4.50 8.58
CA PHE A 24 -8.75 -3.13 9.06
C PHE A 24 -9.40 -2.29 7.96
N ASP A 25 -8.99 -2.53 6.74
CA ASP A 25 -9.52 -1.81 5.60
C ASP A 25 -11.03 -1.98 5.50
N LYS A 26 -11.50 -3.18 5.81
CA LYS A 26 -12.91 -3.53 5.72
C LYS A 26 -13.72 -3.26 6.99
N ALA A 27 -13.05 -3.15 8.14
CA ALA A 27 -13.74 -2.95 9.43
C ALA A 27 -14.58 -1.69 9.50
N LYS A 28 -14.07 -0.57 8.94
CA LYS A 28 -14.75 0.75 8.90
C LYS A 28 -15.05 1.48 10.22
N PHE A 29 -15.26 0.72 11.27
CA PHE A 29 -15.67 1.35 12.49
C PHE A 29 -15.12 0.64 13.71
N GLY A 30 -14.49 1.44 14.55
CA GLY A 30 -13.90 0.92 15.79
C GLY A 30 -14.24 1.81 16.98
N ILE A 31 -14.04 1.26 18.19
CA ILE A 31 -14.32 2.00 19.39
C ILE A 31 -13.01 2.29 20.16
N PHE A 32 -12.78 3.56 20.47
CA PHE A 32 -11.63 3.99 21.24
C PHE A 32 -12.14 4.04 22.70
N ILE A 33 -11.28 3.77 23.68
CA ILE A 33 -11.70 3.90 25.06
C ILE A 33 -10.64 4.64 25.88
N HIS A 34 -10.90 5.88 26.28
CA HIS A 34 -9.95 6.56 27.19
C HIS A 34 -10.50 6.30 28.57
N TRP A 35 -9.75 5.51 29.32
CA TRP A 35 -10.15 5.15 30.67
C TRP A 35 -8.92 5.09 31.55
N GLY A 36 -9.03 5.63 32.75
CA GLY A 36 -7.88 5.61 33.63
C GLY A 36 -8.23 6.26 34.97
N ILE A 37 -7.21 6.64 35.74
CA ILE A 37 -7.50 7.19 37.06
C ILE A 37 -8.12 8.58 36.95
N TYR A 38 -7.84 9.24 35.82
CA TYR A 38 -8.44 10.53 35.57
C TYR A 38 -9.95 10.38 35.41
N SER A 39 -10.41 9.15 35.17
CA SER A 39 -11.84 8.97 35.01
C SER A 39 -12.59 9.17 36.36
N VAL A 40 -11.89 8.99 37.49
CA VAL A 40 -12.50 9.15 38.82
C VAL A 40 -12.94 10.63 39.01
N PRO A 41 -12.01 11.60 38.90
CA PRO A 41 -12.61 12.94 39.08
C PRO A 41 -13.51 13.23 37.88
N GLY A 42 -13.12 12.70 36.73
CA GLY A 42 -13.90 12.88 35.52
C GLY A 42 -14.46 14.27 35.38
N TRP A 43 -13.56 15.23 35.27
CA TRP A 43 -13.98 16.64 35.19
C TRP A 43 -13.12 17.52 34.32
N ALA A 44 -13.77 18.35 33.51
CA ALA A 44 -13.09 19.34 32.68
C ALA A 44 -14.09 20.44 32.33
N THR A 45 -13.62 21.62 31.97
CA THR A 45 -14.52 22.69 31.52
C THR A 45 -14.76 22.38 30.03
N PRO A 46 -16.02 22.07 29.62
CA PRO A 46 -16.34 21.74 28.20
C PRO A 46 -16.26 22.97 27.28
N THR A 47 -15.05 23.49 27.10
CA THR A 47 -14.77 24.70 26.31
C THR A 47 -15.09 24.69 24.80
N GLY A 48 -14.72 23.63 24.09
CA GLY A 48 -15.00 23.58 22.66
C GLY A 48 -14.20 22.51 21.91
N GLU A 49 -14.33 22.51 20.59
CA GLU A 49 -13.62 21.56 19.75
C GLU A 49 -12.20 22.04 19.49
N LEU A 50 -11.28 21.09 19.33
CA LEU A 50 -9.89 21.44 19.03
C LEU A 50 -9.93 22.07 17.63
N GLY A 51 -9.11 23.10 17.42
CA GLY A 51 -9.09 23.80 16.15
C GLY A 51 -10.12 24.93 16.14
N LYS A 52 -10.94 24.96 17.20
CA LYS A 52 -11.97 25.98 17.37
C LYS A 52 -11.65 26.83 18.61
N VAL A 53 -10.83 26.29 19.52
CA VAL A 53 -10.43 26.99 20.75
C VAL A 53 -9.04 27.61 20.61
N PRO A 54 -8.85 28.88 21.05
CA PRO A 54 -7.53 29.53 20.95
C PRO A 54 -6.48 28.77 21.78
N MET A 55 -5.37 28.41 21.15
CA MET A 55 -4.35 27.63 21.83
C MET A 55 -3.57 28.31 22.96
N ASP A 56 -3.81 29.61 23.11
CA ASP A 56 -3.17 30.41 24.16
C ASP A 56 -4.00 30.22 25.44
N ALA A 57 -5.18 29.64 25.30
CA ALA A 57 -6.01 29.41 26.48
C ALA A 57 -6.26 27.90 26.68
N TRP A 58 -6.18 27.17 25.58
CA TRP A 58 -6.45 25.73 25.56
C TRP A 58 -5.98 24.97 26.81
N PHE A 59 -4.70 25.06 27.14
CA PHE A 59 -4.24 24.25 28.26
C PHE A 59 -4.69 24.72 29.62
N PHE A 60 -5.12 25.97 29.68
CA PHE A 60 -5.64 26.62 30.89
C PHE A 60 -7.10 26.32 31.13
N GLN A 61 -7.85 25.97 30.08
CA GLN A 61 -9.27 25.62 30.19
C GLN A 61 -9.44 24.41 29.28
N ASN A 62 -8.64 23.38 29.57
CA ASN A 62 -8.62 22.18 28.77
C ASN A 62 -9.93 21.40 28.74
N PRO A 63 -10.53 21.23 27.55
CA PRO A 63 -11.79 20.46 27.55
C PRO A 63 -11.60 18.92 27.70
N TYR A 64 -10.35 18.45 27.71
CA TYR A 64 -10.05 17.03 27.81
C TYR A 64 -9.87 16.58 29.25
N ALA A 65 -10.85 15.87 29.78
CA ALA A 65 -10.79 15.40 31.16
C ALA A 65 -9.58 14.51 31.43
N GLU A 66 -9.06 13.83 30.41
CA GLU A 66 -7.92 12.96 30.62
C GLU A 66 -6.64 13.76 30.87
N TRP A 67 -6.68 15.07 30.64
CA TRP A 67 -5.53 15.93 30.89
C TRP A 67 -5.63 16.52 32.32
N TYR A 68 -6.50 15.97 33.14
CA TYR A 68 -6.68 16.46 34.52
C TYR A 68 -5.39 16.76 35.25
N GLU A 69 -4.45 15.81 35.24
CA GLU A 69 -3.19 16.04 35.95
C GLU A 69 -2.43 17.28 35.50
N ASN A 70 -2.25 17.45 34.19
CA ASN A 70 -1.55 18.63 33.67
C ASN A 70 -2.28 19.89 34.10
N SER A 71 -3.62 19.88 33.95
CA SER A 71 -4.42 21.04 34.34
C SER A 71 -4.24 21.28 35.86
N LEU A 72 -4.31 20.21 36.66
CA LEU A 72 -4.08 20.34 38.10
C LEU A 72 -2.71 20.97 38.41
N ARG A 73 -1.70 20.71 37.58
CA ARG A 73 -0.37 21.31 37.83
C ARG A 73 -0.36 22.83 37.48
N ILE A 74 -1.36 23.33 36.76
CA ILE A 74 -1.41 24.76 36.47
C ILE A 74 -2.32 25.33 37.59
N LYS A 75 -1.72 25.95 38.60
CA LYS A 75 -2.50 26.49 39.72
C LYS A 75 -3.40 27.61 39.24
N GLU A 76 -4.57 27.71 39.84
CA GLU A 76 -5.49 28.76 39.37
C GLU A 76 -6.08 28.41 37.97
N SER A 77 -6.02 27.12 37.60
CA SER A 77 -6.70 26.73 36.39
C SER A 77 -8.04 26.35 37.00
N PRO A 78 -9.12 26.29 36.21
CA PRO A 78 -10.39 25.89 36.81
C PRO A 78 -10.24 24.48 37.47
N THR A 79 -9.44 23.60 36.86
CA THR A 79 -9.23 22.25 37.40
C THR A 79 -8.62 22.30 38.80
N TRP A 80 -7.62 23.16 39.01
CA TRP A 80 -6.99 23.30 40.34
C TRP A 80 -8.02 23.75 41.39
N GLU A 81 -8.84 24.76 41.05
CA GLU A 81 -9.88 25.28 41.96
C GLU A 81 -10.88 24.16 42.31
N TYR A 82 -11.35 23.46 41.28
CA TYR A 82 -12.27 22.34 41.48
C TYR A 82 -11.63 21.23 42.32
N HIS A 83 -10.35 20.95 42.07
CA HIS A 83 -9.71 19.86 42.82
C HIS A 83 -9.58 20.18 44.31
N VAL A 84 -9.09 21.36 44.59
CA VAL A 84 -8.88 21.78 45.98
C VAL A 84 -10.21 21.73 46.76
N LYS A 85 -11.28 22.22 46.15
CA LYS A 85 -12.58 22.28 46.80
C LYS A 85 -13.23 20.92 46.94
N THR A 86 -12.92 20.02 46.02
CA THR A 86 -13.54 18.70 46.00
C THR A 86 -12.75 17.61 46.72
N TYR A 87 -11.42 17.57 46.53
CA TYR A 87 -10.61 16.51 47.11
C TYR A 87 -9.63 17.01 48.13
N GLY A 88 -9.29 18.27 48.01
CA GLY A 88 -8.37 18.91 48.94
C GLY A 88 -7.00 19.17 48.38
N GLU A 89 -6.39 20.24 48.86
CA GLU A 89 -5.06 20.64 48.46
C GLU A 89 -4.03 19.54 48.70
N ASN A 90 -4.24 18.68 49.70
CA ASN A 90 -3.26 17.64 49.97
C ASN A 90 -3.48 16.35 49.24
N PHE A 91 -4.47 16.33 48.35
CA PHE A 91 -4.74 15.11 47.60
C PHE A 91 -3.95 15.18 46.26
N GLU A 92 -2.85 14.43 46.23
CA GLU A 92 -1.98 14.39 45.04
C GLU A 92 -2.68 13.52 43.98
N TYR A 93 -2.57 13.98 42.74
CA TYR A 93 -3.15 13.27 41.59
C TYR A 93 -3.00 11.73 41.59
N GLU A 94 -1.82 11.27 41.98
CA GLU A 94 -1.53 9.84 41.97
C GLU A 94 -2.46 9.09 42.91
N LYS A 95 -2.96 9.79 43.91
CA LYS A 95 -3.83 9.16 44.88
C LYS A 95 -5.09 8.68 44.17
N PHE A 96 -5.41 9.24 43.00
CA PHE A 96 -6.59 8.75 42.29
C PHE A 96 -6.44 7.25 41.96
N ALA A 97 -5.23 6.73 41.90
CA ALA A 97 -5.09 5.29 41.59
C ALA A 97 -5.74 4.42 42.72
N ASP A 98 -5.81 4.93 43.95
CA ASP A 98 -6.44 4.14 45.02
C ASP A 98 -7.97 4.28 44.95
N LEU A 99 -8.48 5.31 44.29
CA LEU A 99 -9.92 5.47 44.17
C LEU A 99 -10.45 4.84 42.89
N PHE A 100 -9.55 4.51 41.96
CA PHE A 100 -9.95 3.90 40.69
C PHE A 100 -10.18 2.42 40.94
N THR A 101 -11.39 2.07 41.37
CA THR A 101 -11.65 0.68 41.72
C THR A 101 -12.38 -0.17 40.70
N ALA A 102 -13.06 0.47 39.74
CA ALA A 102 -13.76 -0.27 38.69
C ALA A 102 -14.66 -1.38 39.30
N GLU A 103 -15.33 -1.04 40.41
CA GLU A 103 -16.20 -1.97 41.13
C GLU A 103 -17.39 -2.47 40.34
N LYS A 104 -17.89 -1.70 39.37
CA LYS A 104 -19.01 -2.14 38.55
C LYS A 104 -18.60 -2.56 37.12
N TRP A 105 -17.31 -2.77 36.90
CA TRP A 105 -16.79 -3.18 35.59
C TRP A 105 -17.11 -4.62 35.20
N ASP A 106 -17.68 -4.78 34.01
CA ASP A 106 -17.97 -6.10 33.45
C ASP A 106 -17.45 -6.02 31.98
N PRO A 107 -16.25 -6.55 31.73
CA PRO A 107 -15.74 -6.48 30.36
C PRO A 107 -16.59 -7.16 29.31
N GLN A 108 -17.32 -8.22 29.69
CA GLN A 108 -18.19 -8.89 28.71
C GLN A 108 -19.32 -7.93 28.30
N GLU A 109 -19.85 -7.19 29.26
CA GLU A 109 -20.90 -6.22 28.96
C GLU A 109 -20.39 -5.13 28.00
N TRP A 110 -19.18 -4.62 28.24
CA TRP A 110 -18.60 -3.60 27.31
C TRP A 110 -18.48 -4.15 25.90
N ALA A 111 -17.91 -5.36 25.80
CA ALA A 111 -17.69 -5.99 24.50
C ALA A 111 -18.99 -6.20 23.79
N ASP A 112 -20.02 -6.68 24.51
CA ASP A 112 -21.30 -6.87 23.87
C ASP A 112 -21.88 -5.55 23.43
N LEU A 113 -21.71 -4.51 24.22
CA LEU A 113 -22.25 -3.22 23.80
C LEU A 113 -21.54 -2.74 22.52
N PHE A 114 -20.20 -2.91 22.47
CA PHE A 114 -19.40 -2.46 21.32
C PHE A 114 -19.78 -3.24 20.06
N LYS A 115 -20.00 -4.53 20.23
CA LYS A 115 -20.46 -5.37 19.14
C LYS A 115 -21.87 -4.92 18.68
N LYS A 116 -22.77 -4.73 19.64
CA LYS A 116 -24.11 -4.28 19.22
C LYS A 116 -24.01 -2.91 18.58
N ALA A 117 -23.03 -2.12 18.97
CA ALA A 117 -22.89 -0.79 18.39
C ALA A 117 -22.45 -0.87 16.94
N GLY A 118 -22.03 -2.05 16.50
CA GLY A 118 -21.59 -2.17 15.11
C GLY A 118 -20.05 -2.07 14.95
N ALA A 119 -19.32 -1.95 16.06
CA ALA A 119 -17.88 -1.85 15.99
C ALA A 119 -17.21 -3.16 15.64
N LYS A 120 -16.09 -3.10 14.94
CA LYS A 120 -15.35 -4.30 14.57
C LYS A 120 -14.01 -4.43 15.28
N TYR A 121 -13.60 -3.36 15.97
CA TYR A 121 -12.33 -3.39 16.70
C TYR A 121 -12.47 -2.38 17.80
N VAL A 122 -11.71 -2.65 18.85
CA VAL A 122 -11.73 -1.85 20.07
C VAL A 122 -10.30 -1.57 20.55
N ILE A 123 -10.06 -0.32 20.94
CA ILE A 123 -8.75 0.08 21.39
C ILE A 123 -8.77 0.92 22.70
N PRO A 124 -8.39 0.30 23.82
CA PRO A 124 -8.37 1.06 25.06
C PRO A 124 -6.96 1.66 25.30
N THR A 125 -6.96 2.74 26.08
CA THR A 125 -5.76 3.39 26.50
C THR A 125 -5.04 2.46 27.50
N THR A 126 -3.87 1.88 27.14
CA THR A 126 -3.14 1.02 28.08
C THR A 126 -2.35 1.89 29.05
N LYS A 127 -1.93 3.05 28.54
CA LYS A 127 -1.24 4.03 29.34
C LYS A 127 -1.41 5.37 28.66
N HIS A 128 -1.99 6.34 29.36
CA HIS A 128 -2.15 7.67 28.77
C HIS A 128 -1.01 8.57 29.29
N HIS A 129 -1.12 9.88 29.10
CA HIS A 129 -0.04 10.75 29.50
C HIS A 129 0.34 10.73 31.01
N ASP A 130 -0.63 10.41 31.88
CA ASP A 130 -0.31 10.38 33.32
C ASP A 130 0.56 9.17 33.71
N GLY A 131 0.88 8.33 32.73
CA GLY A 131 1.76 7.19 32.98
C GLY A 131 1.20 6.02 33.78
N PHE A 132 -0.07 6.08 34.14
CA PHE A 132 -0.68 4.97 34.88
C PHE A 132 -1.00 3.85 33.88
N CYS A 133 -0.56 2.61 34.16
CA CYS A 133 -0.76 1.45 33.27
C CYS A 133 -1.88 0.50 33.70
N LEU A 134 -2.77 0.25 32.75
CA LEU A 134 -3.92 -0.60 32.96
C LEU A 134 -3.67 -2.12 32.75
N TRP A 135 -2.42 -2.58 32.93
CA TRP A 135 -2.07 -4.01 32.84
C TRP A 135 -0.99 -4.22 33.90
N GLY A 136 -0.70 -5.47 34.27
CA GLY A 136 0.32 -5.71 35.29
C GLY A 136 1.71 -5.67 34.67
N THR A 137 2.10 -4.51 34.19
CA THR A 137 3.43 -4.36 33.58
C THR A 137 4.50 -4.61 34.65
N LYS A 138 5.65 -5.14 34.24
CA LYS A 138 6.67 -5.37 35.24
C LYS A 138 7.57 -4.16 35.34
N TYR A 139 7.30 -3.15 34.53
CA TYR A 139 8.18 -1.99 34.53
C TYR A 139 7.85 -0.79 35.41
N THR A 140 6.69 -0.81 36.05
CA THR A 140 6.33 0.24 37.02
C THR A 140 5.28 -0.37 37.95
N ASP A 141 5.22 0.11 39.19
CA ASP A 141 4.19 -0.35 40.14
C ASP A 141 2.94 0.52 40.03
N PHE A 142 3.01 1.58 39.25
CA PHE A 142 1.88 2.49 39.06
C PHE A 142 0.97 1.84 38.00
N ASN A 143 0.26 0.80 38.39
CA ASN A 143 -0.56 0.08 37.44
C ASN A 143 -1.77 -0.55 38.14
N SER A 144 -2.73 -0.98 37.32
CA SER A 144 -3.98 -1.50 37.82
C SER A 144 -3.97 -2.80 38.61
N VAL A 145 -2.89 -3.54 38.48
CA VAL A 145 -2.78 -4.81 39.17
C VAL A 145 -2.33 -4.49 40.61
N LYS A 146 -1.34 -3.62 40.77
CA LYS A 146 -0.91 -3.26 42.10
C LYS A 146 -1.79 -2.23 42.81
N ARG A 147 -2.43 -1.36 42.04
CA ARG A 147 -3.28 -0.33 42.68
C ARG A 147 -4.67 -0.38 42.16
N GLY A 148 -5.55 0.33 42.85
CA GLY A 148 -6.93 0.47 42.45
C GLY A 148 -7.75 -0.77 42.19
N PRO A 149 -7.92 -1.11 40.91
CA PRO A 149 -8.70 -2.26 40.49
C PRO A 149 -8.14 -3.62 40.91
N LYS A 150 -6.85 -3.71 41.18
CA LYS A 150 -6.23 -5.00 41.50
C LYS A 150 -6.65 -5.94 40.40
N ARG A 151 -6.50 -5.52 39.17
CA ARG A 151 -6.93 -6.35 38.07
C ARG A 151 -6.20 -5.93 36.80
N ASP A 152 -5.99 -6.87 35.89
CA ASP A 152 -5.36 -6.58 34.59
C ASP A 152 -6.52 -6.20 33.67
N LEU A 153 -6.78 -4.90 33.58
CA LEU A 153 -7.89 -4.44 32.79
C LEU A 153 -7.71 -4.65 31.28
N VAL A 154 -6.48 -4.46 30.81
CA VAL A 154 -6.20 -4.62 29.37
C VAL A 154 -6.39 -6.08 29.05
N GLY A 155 -5.79 -6.96 29.85
CA GLY A 155 -5.96 -8.38 29.57
C GLY A 155 -7.42 -8.87 29.66
N ASP A 156 -8.15 -8.45 30.67
CA ASP A 156 -9.51 -8.92 30.77
C ASP A 156 -10.35 -8.30 29.67
N LEU A 157 -10.00 -7.08 29.26
CA LEU A 157 -10.82 -6.51 28.19
C LEU A 157 -10.50 -7.22 26.91
N ALA A 158 -9.21 -7.52 26.70
CA ALA A 158 -8.79 -8.22 25.45
C ALA A 158 -9.55 -9.55 25.30
N LYS A 159 -9.62 -10.33 26.37
CA LYS A 159 -10.33 -11.63 26.30
C LYS A 159 -11.80 -11.43 25.90
N ALA A 160 -12.46 -10.46 26.52
CA ALA A 160 -13.86 -10.21 26.26
C ALA A 160 -14.11 -9.72 24.86
N VAL A 161 -13.31 -8.76 24.41
CA VAL A 161 -13.51 -8.22 23.06
C VAL A 161 -13.34 -9.34 22.04
N ARG A 162 -12.32 -10.16 22.21
CA ARG A 162 -12.09 -11.27 21.30
C ARG A 162 -13.22 -12.30 21.44
N GLU A 163 -13.67 -12.63 22.65
CA GLU A 163 -14.80 -13.56 22.80
C GLU A 163 -15.99 -13.09 21.94
N ALA A 164 -16.16 -11.78 21.87
CA ALA A 164 -17.26 -11.21 21.12
C ALA A 164 -16.94 -11.20 19.61
N GLY A 165 -15.76 -11.66 19.22
CA GLY A 165 -15.48 -11.68 17.80
C GLY A 165 -14.93 -10.38 17.25
N LEU A 166 -14.54 -9.44 18.12
CA LEU A 166 -13.97 -8.18 17.62
C LEU A 166 -12.45 -8.18 17.73
N ARG A 167 -11.81 -7.33 16.91
CA ARG A 167 -10.34 -7.17 16.91
C ARG A 167 -9.97 -6.28 18.08
N PHE A 168 -8.75 -6.45 18.58
CA PHE A 168 -8.30 -5.71 19.76
C PHE A 168 -6.95 -5.02 19.58
N GLY A 169 -6.92 -3.70 19.78
CA GLY A 169 -5.67 -2.98 19.62
C GLY A 169 -5.35 -2.32 20.92
N VAL A 170 -4.17 -1.70 20.99
CA VAL A 170 -3.76 -0.98 22.17
C VAL A 170 -3.29 0.45 21.88
N TYR A 171 -3.75 1.39 22.73
CA TYR A 171 -3.28 2.76 22.65
C TYR A 171 -2.18 2.86 23.72
N TYR A 172 -1.07 3.53 23.37
CA TYR A 172 0.01 3.74 24.30
C TYR A 172 0.52 5.18 24.10
N SER A 173 0.67 5.90 25.21
CA SER A 173 1.19 7.29 25.15
C SER A 173 2.73 7.17 25.12
N GLY A 174 3.29 6.96 23.92
CA GLY A 174 4.74 6.85 23.83
C GLY A 174 5.39 8.20 24.01
N GLY A 175 4.75 9.25 23.47
CA GLY A 175 5.33 10.57 23.54
C GLY A 175 5.35 11.37 24.83
N LEU A 176 4.44 11.05 25.74
CA LEU A 176 4.30 11.80 26.96
C LEU A 176 4.08 10.87 28.11
N ASP A 177 4.70 11.21 29.23
CA ASP A 177 4.56 10.46 30.45
C ASP A 177 4.92 11.43 31.58
N TRP A 178 3.87 11.94 32.21
CA TRP A 178 4.02 12.89 33.29
C TRP A 178 4.68 12.31 34.57
N ARG A 179 4.93 11.00 34.59
CA ARG A 179 5.67 10.42 35.71
C ARG A 179 7.18 10.78 35.50
N PHE A 180 7.53 11.35 34.34
CA PHE A 180 8.91 11.70 34.07
C PHE A 180 9.13 13.21 33.95
N THR A 181 8.09 14.00 34.20
CA THR A 181 8.23 15.45 34.12
C THR A 181 7.53 16.07 35.34
N THR A 182 7.83 17.33 35.63
CA THR A 182 7.19 17.97 36.76
C THR A 182 6.40 19.21 36.30
N GLU A 183 6.89 19.87 35.24
CA GLU A 183 6.29 21.08 34.73
C GLU A 183 5.10 20.77 33.79
N PRO A 184 3.97 21.50 33.93
CA PRO A 184 2.85 21.19 33.02
C PRO A 184 3.06 21.82 31.65
N ILE A 185 2.29 21.34 30.69
CA ILE A 185 2.28 21.92 29.35
C ILE A 185 1.26 23.09 29.49
N ARG A 186 1.71 24.31 29.18
CA ARG A 186 0.85 25.48 29.25
C ARG A 186 0.53 26.03 27.84
N TYR A 187 1.51 25.89 26.94
CA TYR A 187 1.39 26.32 25.56
C TYR A 187 1.86 25.21 24.63
N PRO A 188 1.35 25.18 23.38
CA PRO A 188 1.70 24.17 22.37
C PRO A 188 3.22 24.00 22.29
N GLU A 189 3.93 25.11 22.28
CA GLU A 189 5.38 25.12 22.19
C GLU A 189 6.05 24.38 23.34
N ASP A 190 5.41 24.33 24.49
CA ASP A 190 6.03 23.61 25.60
C ASP A 190 6.28 22.13 25.22
N LEU A 191 5.48 21.61 24.28
CA LEU A 191 5.61 20.21 23.91
C LEU A 191 6.92 19.89 23.23
N SER A 192 7.58 20.93 22.72
CA SER A 192 8.85 20.64 22.06
C SER A 192 9.93 20.33 23.09
N TYR A 193 9.74 20.62 24.38
CA TYR A 193 10.81 20.31 25.33
C TYR A 193 10.40 19.69 26.66
N ILE A 194 9.13 19.79 27.07
CA ILE A 194 8.74 19.17 28.32
C ILE A 194 8.28 17.74 27.96
N ARG A 195 9.30 16.87 27.86
CA ARG A 195 9.21 15.46 27.48
C ARG A 195 10.12 14.69 28.42
N PRO A 196 9.96 13.35 28.47
CA PRO A 196 10.85 12.62 29.39
C PRO A 196 12.33 12.86 29.05
N ASN A 197 12.62 12.89 27.74
CA ASN A 197 13.98 13.19 27.25
C ASN A 197 15.17 12.24 27.52
N THR A 198 15.02 11.34 28.46
CA THR A 198 16.12 10.43 28.81
C THR A 198 16.21 9.12 28.02
N TYR A 199 17.40 8.51 28.07
CA TYR A 199 17.58 7.21 27.45
C TYR A 199 16.72 6.20 28.26
N GLU A 200 16.61 6.44 29.56
CA GLU A 200 15.82 5.59 30.42
C GLU A 200 14.34 5.51 29.93
N TYR A 201 13.73 6.66 29.66
CA TYR A 201 12.34 6.64 29.17
C TYR A 201 12.22 5.93 27.80
N ALA A 202 13.17 6.18 26.90
CA ALA A 202 13.18 5.49 25.58
C ALA A 202 13.16 3.96 25.80
N ASP A 203 13.96 3.46 26.76
CA ASP A 203 14.02 2.02 27.07
C ASP A 203 12.71 1.56 27.59
N TYR A 204 12.15 2.36 28.51
CA TYR A 204 10.88 2.09 29.18
C TYR A 204 9.73 1.98 28.17
N ALA A 205 9.67 2.90 27.20
CA ALA A 205 8.58 2.87 26.22
C ALA A 205 8.72 1.61 25.34
N TYR A 206 9.95 1.33 24.89
CA TYR A 206 10.23 0.14 24.09
C TYR A 206 9.81 -1.11 24.85
N LYS A 207 10.27 -1.22 26.09
CA LYS A 207 9.95 -2.37 26.89
C LYS A 207 8.48 -2.54 27.14
N GLN A 208 7.78 -1.44 27.33
CA GLN A 208 6.37 -1.61 27.60
C GLN A 208 5.60 -2.01 26.32
N VAL A 209 5.94 -1.46 25.16
CA VAL A 209 5.17 -1.87 24.00
C VAL A 209 5.55 -3.32 23.65
N MET A 210 6.81 -3.68 23.87
CA MET A 210 7.20 -5.04 23.59
C MET A 210 6.36 -5.96 24.53
N GLU A 211 6.20 -5.55 25.78
CA GLU A 211 5.45 -6.37 26.74
C GLU A 211 4.00 -6.49 26.29
N LEU A 212 3.42 -5.38 25.80
CA LEU A 212 2.05 -5.44 25.30
C LEU A 212 1.96 -6.42 24.10
N VAL A 213 2.99 -6.41 23.24
CA VAL A 213 2.99 -7.30 22.11
C VAL A 213 3.06 -8.77 22.61
N ASP A 214 4.00 -9.05 23.51
CA ASP A 214 4.17 -10.39 24.04
C ASP A 214 2.97 -10.88 24.82
N LEU A 215 2.35 -10.02 25.62
CA LEU A 215 1.23 -10.51 26.46
C LEU A 215 -0.09 -10.62 25.72
N TYR A 216 -0.41 -9.63 24.89
CA TYR A 216 -1.71 -9.56 24.23
C TYR A 216 -1.75 -9.61 22.71
N LEU A 217 -0.57 -9.59 22.05
CA LEU A 217 -0.46 -9.61 20.59
C LEU A 217 -1.60 -8.82 19.96
N PRO A 218 -1.64 -7.50 20.26
CA PRO A 218 -2.73 -6.67 19.72
C PRO A 218 -2.79 -6.60 18.16
N ASP A 219 -3.99 -6.35 17.63
CA ASP A 219 -4.22 -6.21 16.18
C ASP A 219 -3.84 -4.82 15.70
N VAL A 220 -3.69 -3.87 16.64
CA VAL A 220 -3.27 -2.51 16.28
C VAL A 220 -2.38 -1.94 17.37
N LEU A 221 -1.28 -1.28 16.98
CA LEU A 221 -0.42 -0.56 17.92
C LEU A 221 -0.68 0.88 17.54
N TRP A 222 -1.35 1.57 18.45
CA TRP A 222 -1.77 2.94 18.21
C TRP A 222 -1.04 3.86 19.21
N ASN A 223 0.13 4.35 18.77
CA ASN A 223 0.93 5.23 19.60
C ASN A 223 0.35 6.66 19.55
N ASP A 224 0.68 7.47 20.54
CA ASP A 224 0.21 8.86 20.50
C ASP A 224 1.37 9.75 20.95
N MET A 225 1.35 10.97 20.41
CA MET A 225 2.28 12.06 20.72
C MET A 225 3.73 11.88 20.30
N GLY A 226 3.95 11.05 19.28
CA GLY A 226 5.31 10.82 18.77
C GLY A 226 6.03 9.79 19.61
N TRP A 227 7.16 9.35 19.11
CA TRP A 227 7.94 8.38 19.85
C TRP A 227 9.23 9.12 20.30
N PRO A 228 9.72 8.82 21.51
CA PRO A 228 10.95 9.50 21.98
C PRO A 228 12.08 9.40 20.92
N GLU A 229 12.66 10.54 20.63
CA GLU A 229 13.70 10.63 19.61
C GLU A 229 14.83 9.57 19.80
N LYS A 230 15.33 9.42 21.02
CA LYS A 230 16.38 8.44 21.31
C LYS A 230 15.91 7.02 21.09
N GLY A 231 14.59 6.81 20.97
CA GLY A 231 14.09 5.44 20.79
C GLY A 231 13.57 5.14 19.40
N LYS A 232 13.57 6.15 18.51
CA LYS A 232 13.05 5.94 17.16
C LYS A 232 13.71 4.80 16.38
N GLU A 233 15.02 4.65 16.50
CA GLU A 233 15.67 3.53 15.82
C GLU A 233 15.20 2.19 16.35
N ASP A 234 14.78 2.14 17.61
CA ASP A 234 14.30 0.86 18.14
C ASP A 234 13.06 0.35 17.38
N LEU A 235 12.27 1.25 16.79
CA LEU A 235 11.00 0.83 16.17
C LEU A 235 11.13 -0.07 14.96
N LYS A 236 12.30 -0.02 14.34
CA LYS A 236 12.56 -0.88 13.21
C LYS A 236 12.51 -2.33 13.75
N TYR A 237 13.06 -2.51 14.93
CA TYR A 237 13.15 -3.84 15.54
C TYR A 237 11.80 -4.24 16.12
N LEU A 238 11.13 -3.28 16.74
CA LEU A 238 9.85 -3.54 17.35
C LEU A 238 8.79 -3.89 16.26
N PHE A 239 8.79 -3.12 15.18
CA PHE A 239 7.84 -3.38 14.11
C PHE A 239 8.09 -4.77 13.49
N ALA A 240 9.36 -5.11 13.19
CA ALA A 240 9.70 -6.44 12.61
C ALA A 240 9.28 -7.56 13.55
N TYR A 241 9.67 -7.43 14.80
CA TYR A 241 9.31 -8.40 15.83
C TYR A 241 7.79 -8.58 15.82
N TYR A 242 7.07 -7.48 15.88
CA TYR A 242 5.59 -7.52 15.94
C TYR A 242 4.99 -8.17 14.70
N TYR A 243 5.40 -7.70 13.50
CA TYR A 243 4.84 -8.26 12.30
C TYR A 243 5.23 -9.71 12.13
N ASN A 244 6.42 -10.09 12.57
CA ASN A 244 6.78 -11.47 12.39
C ASN A 244 5.94 -12.39 13.29
N LYS A 245 5.50 -11.89 14.43
CA LYS A 245 4.61 -12.70 15.28
C LYS A 245 3.13 -12.59 14.82
N HIS A 246 2.77 -11.46 14.20
CA HIS A 246 1.38 -11.16 13.81
C HIS A 246 1.35 -10.33 12.51
N PRO A 247 1.48 -10.98 11.37
CA PRO A 247 1.50 -10.26 10.09
C PRO A 247 0.26 -9.45 9.88
N GLU A 248 -0.86 -9.95 10.37
CA GLU A 248 -2.11 -9.20 10.22
C GLU A 248 -2.24 -8.04 11.24
N GLY A 249 -1.19 -7.79 12.03
CA GLY A 249 -1.21 -6.65 12.94
C GLY A 249 -1.03 -5.35 12.16
N SER A 250 -1.15 -4.20 12.84
CA SER A 250 -1.03 -2.91 12.18
C SER A 250 -0.55 -1.82 13.16
N VAL A 251 0.02 -0.75 12.60
CA VAL A 251 0.50 0.35 13.43
C VAL A 251 -0.02 1.64 12.85
N ASN A 252 -0.26 2.64 13.73
CA ASN A 252 -0.73 3.90 13.23
C ASN A 252 0.44 4.80 12.77
N ASP A 253 0.19 6.10 12.61
CA ASP A 253 1.17 7.02 12.06
C ASP A 253 1.68 8.11 13.01
N ARG A 254 1.73 7.80 14.31
CA ARG A 254 2.15 8.80 15.28
C ARG A 254 3.45 8.45 15.98
N TRP A 255 4.34 7.78 15.27
CA TRP A 255 5.64 7.39 15.80
C TRP A 255 6.77 8.35 15.36
N GLY A 256 6.56 9.10 14.28
CA GLY A 256 7.58 10.00 13.79
C GLY A 256 8.74 9.27 13.09
N VAL A 257 8.46 8.12 12.45
CA VAL A 257 9.49 7.39 11.73
C VAL A 257 8.90 7.11 10.36
N PRO A 258 9.73 6.67 9.40
CA PRO A 258 9.24 6.39 8.03
C PRO A 258 8.05 5.44 7.83
N HIS A 259 7.87 4.43 8.67
CA HIS A 259 6.78 3.48 8.50
C HIS A 259 5.47 3.70 9.28
N TRP A 260 4.35 3.30 8.67
CA TRP A 260 3.04 3.31 9.29
C TRP A 260 2.13 2.53 8.32
N ASP A 261 1.05 1.93 8.82
CA ASP A 261 0.12 1.20 7.96
C ASP A 261 -1.09 2.05 7.64
N PHE A 262 -1.50 2.92 8.55
CA PHE A 262 -2.62 3.84 8.28
C PHE A 262 -2.38 5.17 8.94
N LYS A 263 -2.93 6.21 8.31
CA LYS A 263 -2.82 7.56 8.85
C LYS A 263 -3.98 7.87 9.80
N THR A 264 -3.81 8.90 10.63
CA THR A 264 -4.87 9.26 11.56
C THR A 264 -5.19 10.71 11.33
N ALA A 265 -6.44 11.07 11.57
CA ALA A 265 -6.89 12.42 11.33
C ALA A 265 -7.92 12.77 12.40
N GLU A 266 -8.06 14.07 12.64
CA GLU A 266 -9.01 14.66 13.57
C GLU A 266 -9.56 15.88 12.83
N TYR A 267 -10.64 16.47 13.31
CA TYR A 267 -11.19 17.62 12.57
C TYR A 267 -10.13 18.56 12.02
N HIS A 268 -9.35 19.11 12.92
CA HIS A 268 -8.28 20.04 12.60
C HIS A 268 -7.03 19.38 11.96
N VAL A 269 -6.99 18.06 11.90
CA VAL A 269 -5.79 17.42 11.35
C VAL A 269 -5.95 16.27 10.38
N ASN A 270 -5.43 16.47 9.17
CA ASN A 270 -5.44 15.43 8.12
C ASN A 270 -6.80 15.02 7.58
N TYR A 271 -7.88 15.74 7.88
CA TYR A 271 -9.20 15.33 7.38
C TYR A 271 -9.32 15.62 5.87
N PRO A 272 -9.41 14.56 5.05
CA PRO A 272 -9.52 14.74 3.60
C PRO A 272 -10.84 15.33 3.08
N GLY A 273 -10.73 16.02 1.95
CA GLY A 273 -11.89 16.65 1.32
C GLY A 273 -12.42 15.72 0.25
N ASP A 274 -11.55 14.85 -0.23
CA ASP A 274 -11.90 13.87 -1.23
C ASP A 274 -11.00 12.66 -0.96
N LEU A 275 -10.88 11.79 -1.96
CA LEU A 275 -10.13 10.54 -1.89
C LEU A 275 -8.61 10.54 -1.85
N PRO A 276 -8.01 10.14 -0.69
CA PRO A 276 -6.54 10.07 -0.55
C PRO A 276 -6.19 8.67 -1.02
N GLY A 277 -4.95 8.45 -1.39
CA GLY A 277 -4.60 7.13 -1.87
C GLY A 277 -4.13 6.18 -0.81
N TYR A 278 -4.35 6.49 0.46
CA TYR A 278 -3.87 5.57 1.47
C TYR A 278 -4.97 5.36 2.48
N LYS A 279 -4.85 4.31 3.27
CA LYS A 279 -5.82 4.03 4.28
C LYS A 279 -5.56 5.00 5.43
N TRP A 280 -6.65 5.54 5.97
CA TRP A 280 -6.59 6.46 7.10
C TRP A 280 -7.75 6.19 8.07
N GLU A 281 -7.71 6.85 9.21
CA GLU A 281 -8.70 6.66 10.25
C GLU A 281 -9.02 8.00 10.98
N PHE A 282 -10.30 8.32 11.06
CA PHE A 282 -10.76 9.53 11.70
C PHE A 282 -11.13 9.20 13.13
N THR A 283 -10.68 10.00 14.07
CA THR A 283 -11.09 9.74 15.42
C THR A 283 -11.64 11.03 16.06
N ARG A 284 -12.65 10.85 16.93
CA ARG A 284 -13.21 11.92 17.75
C ARG A 284 -14.05 11.24 18.84
N GLY A 285 -14.40 12.00 19.87
CA GLY A 285 -15.20 11.40 20.89
C GLY A 285 -16.67 11.65 20.60
N ILE A 286 -17.51 11.04 21.42
CA ILE A 286 -18.95 11.19 21.35
C ILE A 286 -19.19 12.63 21.82
N GLY A 287 -18.38 13.08 22.78
CA GLY A 287 -18.48 14.46 23.26
C GLY A 287 -17.23 15.23 22.92
N LEU A 288 -16.90 16.22 23.75
CA LEU A 288 -15.72 17.08 23.55
C LEU A 288 -14.41 16.60 24.27
N SER A 289 -14.52 15.64 25.18
CA SER A 289 -13.37 15.11 25.93
C SER A 289 -13.14 13.66 25.49
N PHE A 290 -12.02 13.06 25.81
CA PHE A 290 -11.88 11.65 25.47
C PHE A 290 -12.19 10.91 26.79
N GLY A 291 -11.54 11.32 27.88
CA GLY A 291 -11.86 10.73 29.17
C GLY A 291 -13.24 11.25 29.59
N TYR A 292 -13.92 10.49 30.45
CA TYR A 292 -15.23 10.85 30.97
C TYR A 292 -15.20 12.27 31.58
N ASN A 293 -16.19 13.09 31.20
CA ASN A 293 -16.36 14.45 31.73
C ASN A 293 -17.82 14.58 32.27
N ARG A 294 -17.99 14.52 33.60
CA ARG A 294 -19.30 14.63 34.21
C ARG A 294 -20.04 15.96 33.85
N ASN A 295 -19.32 16.96 33.38
CA ASN A 295 -19.90 18.25 33.01
C ASN A 295 -20.56 18.29 31.63
N GLU A 296 -20.41 17.23 30.84
CA GLU A 296 -20.99 17.25 29.51
C GLU A 296 -22.39 16.74 29.53
N GLY A 297 -23.26 17.37 28.75
CA GLY A 297 -24.63 16.91 28.65
C GLY A 297 -24.85 16.71 27.17
N PRO A 298 -26.08 16.37 26.76
CA PRO A 298 -26.38 16.16 25.34
C PRO A 298 -25.93 17.29 24.43
N GLU A 299 -25.92 18.53 24.92
CA GLU A 299 -25.48 19.68 24.10
C GLU A 299 -24.03 19.55 23.62
N HIS A 300 -23.20 18.79 24.34
CA HIS A 300 -21.78 18.70 23.95
C HIS A 300 -21.46 17.44 23.14
N MET A 301 -22.49 16.66 22.85
CA MET A 301 -22.31 15.39 22.15
C MET A 301 -22.96 15.32 20.79
N LEU A 302 -22.41 14.45 19.94
CA LEU A 302 -22.99 14.25 18.64
C LEU A 302 -24.30 13.47 18.78
N SER A 303 -25.27 13.78 17.93
CA SER A 303 -26.52 13.00 17.94
C SER A 303 -26.28 11.71 17.12
N VAL A 304 -27.19 10.75 17.21
CA VAL A 304 -27.05 9.52 16.44
C VAL A 304 -27.00 9.87 14.93
N GLU A 305 -27.84 10.78 14.51
CA GLU A 305 -27.85 11.19 13.10
C GLU A 305 -26.49 11.71 12.65
N GLN A 306 -25.90 12.59 13.48
CA GLN A 306 -24.59 13.18 13.20
C GLN A 306 -23.52 12.10 13.19
N LEU A 307 -23.66 11.09 14.04
CA LEU A 307 -22.69 10.02 14.10
C LEU A 307 -22.77 9.23 12.80
N VAL A 308 -23.99 8.97 12.34
CA VAL A 308 -24.17 8.24 11.09
C VAL A 308 -23.60 9.07 9.91
N TYR A 309 -23.94 10.33 9.85
CA TYR A 309 -23.43 11.14 8.77
C TYR A 309 -21.92 11.15 8.82
N THR A 310 -21.37 11.16 10.02
CA THR A 310 -19.90 11.18 10.17
C THR A 310 -19.28 9.89 9.60
N LEU A 311 -19.76 8.76 10.09
CA LEU A 311 -19.26 7.50 9.61
C LEU A 311 -19.33 7.39 8.08
N VAL A 312 -20.49 7.73 7.53
CA VAL A 312 -20.69 7.62 6.09
C VAL A 312 -19.68 8.45 5.33
N ASP A 313 -19.50 9.71 5.75
CA ASP A 313 -18.56 10.60 5.09
C ASP A 313 -17.14 10.04 5.12
N VAL A 314 -16.70 9.63 6.31
CA VAL A 314 -15.36 9.08 6.47
C VAL A 314 -15.21 7.82 5.59
N VAL A 315 -16.23 6.96 5.60
CA VAL A 315 -16.12 5.72 4.83
C VAL A 315 -16.12 5.96 3.32
N SER A 316 -16.87 6.93 2.85
CA SER A 316 -16.92 7.24 1.41
C SER A 316 -15.57 7.79 0.95
N LYS A 317 -14.76 8.22 1.91
CA LYS A 317 -13.44 8.76 1.59
C LYS A 317 -12.27 7.80 1.91
N GLY A 318 -12.57 6.52 2.10
CA GLY A 318 -11.54 5.52 2.39
C GLY A 318 -11.14 5.35 3.84
N GLY A 319 -11.78 6.06 4.77
CA GLY A 319 -11.34 5.89 6.13
C GLY A 319 -12.18 4.99 7.00
N ASN A 320 -11.69 4.79 8.22
CA ASN A 320 -12.39 4.06 9.28
C ASN A 320 -12.71 5.18 10.30
N LEU A 321 -13.79 5.01 11.06
CA LEU A 321 -14.11 5.96 12.11
C LEU A 321 -13.75 5.28 13.41
N LEU A 322 -12.88 5.89 14.22
CA LEU A 322 -12.51 5.36 15.53
C LEU A 322 -13.18 6.33 16.58
N LEU A 323 -14.35 5.89 17.07
CA LEU A 323 -15.21 6.67 17.99
C LEU A 323 -14.91 6.39 19.44
N ASN A 324 -14.62 7.47 20.16
CA ASN A 324 -14.22 7.32 21.55
C ASN A 324 -15.33 7.33 22.57
N VAL A 325 -15.19 6.44 23.54
CA VAL A 325 -16.10 6.29 24.67
C VAL A 325 -15.24 6.63 25.91
N GLY A 326 -15.82 7.38 26.86
CA GLY A 326 -15.06 7.71 28.06
C GLY A 326 -15.80 7.12 29.27
N PRO A 327 -15.40 5.95 29.78
CA PRO A 327 -16.11 5.34 30.94
C PRO A 327 -15.83 6.03 32.26
N LYS A 328 -16.71 5.77 33.24
CA LYS A 328 -16.53 6.36 34.56
C LYS A 328 -15.54 5.51 35.33
N GLY A 329 -15.12 6.05 36.48
CA GLY A 329 -14.19 5.37 37.36
C GLY A 329 -14.72 4.04 37.87
N ASP A 330 -16.04 3.87 38.01
CA ASP A 330 -16.56 2.59 38.49
C ASP A 330 -16.65 1.54 37.39
N GLY A 331 -16.31 1.95 36.16
CA GLY A 331 -16.35 1.01 35.07
C GLY A 331 -17.64 0.94 34.29
N THR A 332 -18.55 1.89 34.54
CA THR A 332 -19.77 1.84 33.78
C THR A 332 -19.61 2.85 32.68
N ILE A 333 -20.38 2.68 31.62
CA ILE A 333 -20.35 3.60 30.49
C ILE A 333 -21.59 4.46 30.64
N PRO A 334 -21.42 5.81 30.78
CA PRO A 334 -22.58 6.69 30.93
C PRO A 334 -23.69 6.47 29.88
N ASP A 335 -24.94 6.56 30.35
CA ASP A 335 -26.14 6.40 29.50
C ASP A 335 -26.18 7.21 28.22
N LEU A 336 -25.78 8.47 28.27
CA LEU A 336 -25.77 9.32 27.09
C LEU A 336 -24.85 8.76 26.00
N GLN A 337 -23.74 8.17 26.40
CA GLN A 337 -22.82 7.60 25.43
C GLN A 337 -23.37 6.23 24.96
N LYS A 338 -23.89 5.44 25.88
CA LYS A 338 -24.45 4.14 25.55
C LYS A 338 -25.64 4.33 24.56
N GLU A 339 -26.48 5.36 24.77
CA GLU A 339 -27.63 5.57 23.87
C GLU A 339 -27.17 5.85 22.46
N ARG A 340 -26.19 6.74 22.32
CA ARG A 340 -25.67 7.09 21.00
C ARG A 340 -25.01 5.90 20.34
N LEU A 341 -24.35 5.05 21.13
CA LEU A 341 -23.73 3.84 20.59
C LEU A 341 -24.78 2.87 20.05
N LEU A 342 -25.84 2.65 20.83
CA LEU A 342 -26.89 1.72 20.41
C LEU A 342 -27.64 2.27 19.20
N GLY A 343 -27.78 3.59 19.15
CA GLY A 343 -28.47 4.18 18.01
C GLY A 343 -27.72 3.98 16.71
N LEU A 344 -26.40 4.18 16.76
CA LEU A 344 -25.54 4.01 15.59
C LEU A 344 -25.58 2.52 15.23
N GLY A 345 -25.51 1.65 16.23
CA GLY A 345 -25.58 0.21 16.01
C GLY A 345 -26.86 -0.25 15.31
N GLU A 346 -27.98 0.42 15.56
CA GLU A 346 -29.25 0.06 14.89
C GLU A 346 -29.19 0.48 13.42
N TRP A 347 -28.61 1.63 13.15
CA TRP A 347 -28.52 2.04 11.76
C TRP A 347 -27.59 1.05 11.00
N LEU A 348 -26.45 0.69 11.59
CA LEU A 348 -25.54 -0.26 10.92
C LEU A 348 -26.18 -1.64 10.74
N ARG A 349 -27.06 -2.04 11.64
CA ARG A 349 -27.69 -3.33 11.45
C ARG A 349 -28.57 -3.21 10.21
N LYS A 350 -29.18 -2.06 9.96
CA LYS A 350 -30.02 -1.91 8.75
C LYS A 350 -29.24 -1.68 7.47
N TYR A 351 -28.22 -0.82 7.54
CA TYR A 351 -27.49 -0.46 6.33
C TYR A 351 -26.00 -0.91 6.20
N GLY A 352 -25.58 -1.77 7.13
CA GLY A 352 -24.20 -2.21 7.19
C GLY A 352 -23.61 -2.70 5.88
N ASP A 353 -24.44 -3.31 5.02
CA ASP A 353 -23.97 -3.84 3.75
C ASP A 353 -23.46 -2.74 2.80
N ALA A 354 -23.91 -1.51 3.00
CA ALA A 354 -23.46 -0.37 2.19
C ALA A 354 -22.18 0.24 2.83
N ILE A 355 -21.80 -0.26 4.02
CA ILE A 355 -20.61 0.25 4.75
C ILE A 355 -19.42 -0.74 4.88
N TYR A 356 -19.67 -1.83 5.62
CA TYR A 356 -18.62 -2.84 5.83
C TYR A 356 -18.08 -3.46 4.53
N GLY A 357 -16.79 -3.71 4.49
CA GLY A 357 -16.21 -4.35 3.33
C GLY A 357 -16.32 -3.55 2.06
N THR A 358 -16.71 -2.28 2.11
CA THR A 358 -16.78 -1.48 0.89
C THR A 358 -15.44 -0.85 0.48
N SER A 359 -15.43 -0.24 -0.72
CA SER A 359 -14.30 0.48 -1.29
C SER A 359 -14.80 1.85 -1.75
N VAL A 360 -13.88 2.75 -2.03
CA VAL A 360 -14.28 4.07 -2.48
C VAL A 360 -14.70 3.91 -3.95
N TRP A 361 -15.52 4.83 -4.42
CA TRP A 361 -15.99 4.79 -5.79
C TRP A 361 -15.07 5.80 -6.54
N GLU A 362 -15.47 6.28 -7.71
CA GLU A 362 -14.64 7.24 -8.45
C GLU A 362 -14.62 8.60 -7.77
N ARG A 363 -15.61 8.85 -6.92
CA ARG A 363 -15.72 10.11 -6.20
C ARG A 363 -16.50 9.80 -4.95
N CYS A 364 -16.34 10.62 -3.93
CA CYS A 364 -16.98 10.37 -2.65
C CYS A 364 -18.30 11.00 -2.51
N CYS A 365 -18.43 12.10 -3.24
CA CYS A 365 -19.51 13.00 -2.99
C CYS A 365 -20.34 13.63 -4.10
N ALA A 366 -21.53 14.05 -3.71
CA ALA A 366 -22.47 14.75 -4.59
C ALA A 366 -23.53 15.37 -3.70
N LYS A 367 -24.42 16.16 -4.29
CA LYS A 367 -25.53 16.72 -3.52
C LYS A 367 -26.73 16.88 -4.44
N THR A 368 -27.93 16.90 -3.86
CA THR A 368 -29.15 17.09 -4.66
C THR A 368 -29.34 18.57 -4.95
N GLU A 369 -30.31 18.87 -5.82
CA GLU A 369 -30.62 20.23 -6.19
C GLU A 369 -31.02 21.07 -4.98
N ASP A 370 -31.62 20.46 -3.97
CA ASP A 370 -31.97 21.25 -2.83
C ASP A 370 -30.97 21.05 -1.70
N GLY A 371 -29.74 20.71 -2.10
CA GLY A 371 -28.65 20.57 -1.16
C GLY A 371 -28.53 19.41 -0.19
N THR A 372 -29.16 18.28 -0.44
CA THR A 372 -28.98 17.15 0.47
C THR A 372 -27.65 16.57 0.07
N GLU A 373 -26.80 16.26 1.05
CA GLU A 373 -25.48 15.72 0.75
C GLU A 373 -25.59 14.23 0.42
N ILE A 374 -24.74 13.78 -0.49
CA ILE A 374 -24.75 12.38 -0.90
C ILE A 374 -23.34 11.82 -0.90
N ARG A 375 -23.21 10.59 -0.41
CA ARG A 375 -21.90 9.93 -0.39
C ARG A 375 -21.99 8.57 -1.12
N PHE A 376 -20.92 8.17 -1.77
CA PHE A 376 -20.85 6.88 -2.45
C PHE A 376 -19.85 5.88 -1.80
N THR A 377 -20.18 4.59 -1.87
CA THR A 377 -19.31 3.49 -1.45
C THR A 377 -19.52 2.41 -2.53
N ARG A 378 -18.63 1.44 -2.60
CA ARG A 378 -18.72 0.45 -3.65
C ARG A 378 -18.34 -0.97 -3.25
N LYS A 379 -18.95 -1.93 -3.94
CA LYS A 379 -18.66 -3.33 -3.73
C LYS A 379 -18.68 -3.92 -5.14
N CYS A 380 -17.52 -4.06 -5.73
CA CYS A 380 -17.46 -4.57 -7.07
C CYS A 380 -18.41 -3.76 -7.96
N ASN A 381 -19.41 -4.40 -8.54
CA ASN A 381 -20.33 -3.70 -9.44
C ASN A 381 -21.42 -2.86 -8.75
N ARG A 382 -21.73 -3.17 -7.50
CA ARG A 382 -22.73 -2.45 -6.75
C ARG A 382 -22.21 -1.12 -6.18
N ILE A 383 -22.89 -0.03 -6.54
CA ILE A 383 -22.54 1.27 -6.05
C ILE A 383 -23.63 1.68 -5.06
N PHE A 384 -23.24 2.02 -3.83
CA PHE A 384 -24.23 2.45 -2.87
C PHE A 384 -24.27 3.97 -2.84
N VAL A 385 -25.48 4.51 -2.92
CA VAL A 385 -25.74 5.95 -2.91
C VAL A 385 -26.45 6.27 -1.60
N ILE A 386 -25.68 6.83 -0.66
CA ILE A 386 -26.17 7.16 0.65
C ILE A 386 -26.41 8.66 0.79
N PHE A 387 -27.69 8.99 1.04
CA PHE A 387 -28.11 10.37 1.23
C PHE A 387 -27.96 10.72 2.70
N LEU A 388 -27.40 11.90 3.00
CA LEU A 388 -27.24 12.29 4.38
C LEU A 388 -28.54 13.00 4.69
N GLY A 389 -29.53 12.16 4.94
CA GLY A 389 -30.89 12.61 5.23
C GLY A 389 -31.85 11.87 4.31
N ILE A 390 -33.16 12.07 4.55
CA ILE A 390 -34.18 11.46 3.71
C ILE A 390 -35.01 12.55 3.01
N PRO A 391 -34.88 12.67 1.68
CA PRO A 391 -35.62 13.67 0.90
C PRO A 391 -37.13 13.52 1.17
N THR A 392 -37.87 14.61 1.08
CA THR A 392 -39.30 14.54 1.35
C THR A 392 -40.14 14.27 0.11
N GLY A 393 -39.75 14.81 -1.03
CA GLY A 393 -40.53 14.55 -2.22
C GLY A 393 -39.92 13.40 -2.96
N GLU A 394 -40.72 12.72 -3.76
CA GLU A 394 -40.29 11.56 -4.53
C GLU A 394 -39.38 11.86 -5.71
N LYS A 395 -39.46 13.07 -6.25
CA LYS A 395 -38.62 13.39 -7.38
C LYS A 395 -37.27 13.88 -6.83
N ILE A 396 -36.20 13.23 -7.25
CA ILE A 396 -34.89 13.59 -6.78
C ILE A 396 -33.96 13.91 -7.93
N VAL A 397 -33.25 15.03 -7.82
CA VAL A 397 -32.33 15.45 -8.86
C VAL A 397 -30.92 15.57 -8.28
N ILE A 398 -30.05 14.68 -8.75
CA ILE A 398 -28.67 14.67 -8.29
C ILE A 398 -27.81 15.49 -9.26
N GLU A 399 -27.16 16.51 -8.71
CA GLU A 399 -26.33 17.38 -9.52
C GLU A 399 -25.03 16.74 -9.99
N ASP A 400 -24.63 17.07 -11.21
CA ASP A 400 -23.37 16.59 -11.77
C ASP A 400 -23.12 15.10 -11.62
N LEU A 401 -24.10 14.28 -12.00
CA LEU A 401 -23.94 12.86 -11.90
C LEU A 401 -24.71 12.17 -13.00
N ASN A 402 -24.03 11.27 -13.69
CA ASN A 402 -24.65 10.47 -14.74
C ASN A 402 -24.28 9.04 -14.44
N LEU A 403 -25.26 8.14 -14.56
CA LEU A 403 -25.01 6.73 -14.28
C LEU A 403 -25.03 5.88 -15.52
N SER A 404 -23.95 5.16 -15.75
CA SER A 404 -23.89 4.26 -16.90
C SER A 404 -24.25 2.89 -16.36
N ALA A 405 -25.13 2.88 -15.36
CA ALA A 405 -25.57 1.63 -14.78
C ALA A 405 -26.70 1.14 -15.68
N GLY A 406 -27.67 0.46 -15.10
CA GLY A 406 -28.77 -0.04 -15.90
C GLY A 406 -29.87 -0.39 -14.92
N THR A 407 -29.52 -0.37 -13.64
CA THR A 407 -30.50 -0.67 -12.62
C THR A 407 -30.21 0.07 -11.32
N VAL A 408 -31.16 0.88 -10.87
CA VAL A 408 -31.03 1.63 -9.64
C VAL A 408 -32.22 1.09 -8.83
N ARG A 409 -31.91 0.62 -7.62
CA ARG A 409 -32.85 0.02 -6.71
C ARG A 409 -32.86 0.69 -5.35
N HIS A 410 -34.01 0.64 -4.66
CA HIS A 410 -34.13 1.16 -3.30
C HIS A 410 -33.38 0.05 -2.56
N PHE A 411 -32.41 0.44 -1.74
CA PHE A 411 -31.57 -0.52 -1.06
C PHE A 411 -32.29 -1.40 -0.05
N LEU A 412 -33.08 -0.80 0.81
CA LEU A 412 -33.75 -1.56 1.85
C LEU A 412 -34.79 -2.57 1.36
N THR A 413 -35.57 -2.20 0.37
CA THR A 413 -36.60 -3.10 -0.16
C THR A 413 -36.14 -3.84 -1.40
N GLY A 414 -35.13 -3.29 -2.07
CA GLY A 414 -34.66 -3.88 -3.29
C GLY A 414 -35.52 -3.47 -4.49
N GLU A 415 -36.51 -2.61 -4.27
CA GLU A 415 -37.38 -2.18 -5.37
C GLU A 415 -36.68 -1.40 -6.49
N ARG A 416 -36.92 -1.84 -7.72
CA ARG A 416 -36.34 -1.19 -8.88
C ARG A 416 -36.95 0.19 -9.02
N LEU A 417 -36.14 1.19 -9.36
CA LEU A 417 -36.65 2.53 -9.49
C LEU A 417 -36.40 3.11 -10.88
N SER A 418 -37.23 4.09 -11.20
CA SER A 418 -37.20 4.80 -12.45
C SER A 418 -36.20 5.96 -12.37
N PHE A 419 -35.24 5.98 -13.30
CA PHE A 419 -34.23 7.04 -13.32
C PHE A 419 -33.85 7.43 -14.72
N LYS A 420 -33.24 8.60 -14.85
CA LYS A 420 -32.84 9.10 -16.15
C LYS A 420 -31.73 10.15 -16.01
N ASN A 421 -30.69 10.01 -16.84
CA ASN A 421 -29.59 10.96 -16.88
C ASN A 421 -30.14 12.16 -17.64
N VAL A 422 -30.44 13.24 -16.92
CA VAL A 422 -31.00 14.44 -17.55
C VAL A 422 -29.95 15.53 -17.56
N GLY A 423 -29.17 15.56 -18.64
CA GLY A 423 -28.12 16.55 -18.76
C GLY A 423 -26.93 16.11 -17.93
N LYS A 424 -26.41 17.04 -17.13
CA LYS A 424 -25.26 16.75 -16.29
C LYS A 424 -25.74 16.22 -14.94
N ASN A 425 -27.05 15.96 -14.85
CA ASN A 425 -27.64 15.46 -13.62
C ASN A 425 -28.30 14.10 -13.80
N LEU A 426 -28.84 13.59 -12.70
CA LEU A 426 -29.53 12.29 -12.68
C LEU A 426 -30.83 12.46 -11.91
N GLU A 427 -31.93 12.13 -12.54
CA GLU A 427 -33.23 12.22 -11.88
C GLU A 427 -33.66 10.84 -11.50
N ILE A 428 -34.33 10.76 -10.35
CA ILE A 428 -34.77 9.49 -9.83
C ILE A 428 -36.05 9.73 -9.08
N THR A 429 -36.99 8.80 -9.18
CA THR A 429 -38.25 8.93 -8.48
C THR A 429 -38.30 7.88 -7.40
N VAL A 430 -38.58 8.33 -6.19
CA VAL A 430 -38.62 7.37 -5.13
C VAL A 430 -39.94 7.50 -4.44
N PRO A 431 -40.81 6.51 -4.63
CA PRO A 431 -42.14 6.47 -4.02
C PRO A 431 -42.03 6.80 -2.56
N LYS A 432 -42.94 7.63 -2.06
CA LYS A 432 -42.87 7.99 -0.66
C LYS A 432 -42.95 6.81 0.29
N LYS A 433 -43.63 5.74 -0.10
CA LYS A 433 -43.69 4.63 0.83
C LYS A 433 -42.28 4.08 1.09
N LEU A 434 -41.41 4.15 0.07
CA LEU A 434 -40.03 3.64 0.21
C LEU A 434 -39.27 4.63 1.10
N LEU A 435 -39.42 5.91 0.82
CA LEU A 435 -38.74 6.93 1.62
C LEU A 435 -39.12 6.82 3.09
N GLU A 436 -40.37 6.45 3.35
CA GLU A 436 -40.85 6.36 4.72
C GLU A 436 -40.32 5.13 5.39
N THR A 437 -39.77 4.24 4.60
CA THR A 437 -39.26 3.03 5.18
C THR A 437 -37.78 3.25 5.64
N ASP A 438 -37.11 4.22 5.04
CA ASP A 438 -35.74 4.44 5.43
C ASP A 438 -35.59 5.06 6.81
N SER A 439 -34.38 4.95 7.35
CA SER A 439 -34.10 5.52 8.66
C SER A 439 -32.81 6.35 8.60
N ILE A 440 -32.96 7.66 8.86
CA ILE A 440 -31.85 8.64 8.87
C ILE A 440 -31.27 8.88 7.51
N THR A 441 -31.11 7.81 6.74
CA THR A 441 -30.52 7.96 5.40
C THR A 441 -31.31 7.18 4.33
N LEU A 442 -31.51 7.83 3.19
CA LEU A 442 -32.17 7.19 2.08
C LEU A 442 -31.00 6.46 1.46
N VAL A 443 -31.14 5.18 1.14
CA VAL A 443 -30.05 4.53 0.48
C VAL A 443 -30.54 3.82 -0.77
N LEU A 444 -29.82 4.08 -1.87
CA LEU A 444 -30.06 3.48 -3.17
C LEU A 444 -28.87 2.61 -3.52
N GLU A 445 -29.09 1.73 -4.49
CA GLU A 445 -28.07 0.80 -4.96
C GLU A 445 -28.12 0.76 -6.48
N ALA A 446 -26.99 1.01 -7.13
CA ALA A 446 -26.95 0.99 -8.59
C ALA A 446 -25.97 -0.06 -9.07
N VAL A 447 -26.36 -0.84 -10.06
CA VAL A 447 -25.47 -1.86 -10.62
C VAL A 447 -25.08 -1.52 -12.04
N ARG B 7 -0.13 17.16 -2.13
CA ARG B 7 1.30 17.56 -2.14
C ARG B 7 2.16 16.65 -1.25
N TYR B 8 3.18 16.07 -1.83
CA TYR B 8 4.07 15.23 -1.06
C TYR B 8 5.18 16.11 -0.52
N LYS B 9 5.65 15.78 0.67
CA LYS B 9 6.72 16.49 1.31
C LYS B 9 7.93 15.65 1.16
N PRO B 10 9.11 16.30 1.16
CA PRO B 10 10.36 15.55 1.02
C PRO B 10 10.83 14.80 2.27
N ASP B 11 10.08 13.82 2.72
CA ASP B 11 10.57 13.06 3.85
C ASP B 11 9.94 11.69 3.71
N TRP B 12 10.67 10.66 4.14
CA TRP B 12 10.18 9.31 3.95
C TRP B 12 8.76 9.02 4.45
N GLU B 13 8.39 9.59 5.60
CA GLU B 13 7.09 9.32 6.21
C GLU B 13 5.96 9.87 5.33
N SER B 14 6.18 11.01 4.74
CA SER B 14 5.19 11.62 3.85
C SER B 14 5.15 10.91 2.49
N LEU B 15 6.32 10.51 1.99
CA LEU B 15 6.36 9.83 0.69
C LEU B 15 5.65 8.48 0.75
N ARG B 16 5.57 7.89 1.95
CA ARG B 16 4.86 6.61 2.19
C ARG B 16 3.40 6.77 1.76
N GLU B 17 2.84 7.98 1.80
CA GLU B 17 1.46 8.18 1.34
C GLU B 17 1.27 7.86 -0.16
N HIS B 18 2.36 7.80 -0.93
CA HIS B 18 2.22 7.49 -2.36
C HIS B 18 2.26 5.98 -2.54
N THR B 19 1.17 5.40 -2.96
CA THR B 19 1.20 3.96 -3.17
C THR B 19 1.31 3.67 -4.69
N VAL B 20 1.60 2.43 -5.02
CA VAL B 20 1.70 2.06 -6.41
C VAL B 20 0.40 2.50 -7.12
N PRO B 21 0.52 3.21 -8.24
CA PRO B 21 -0.68 3.64 -8.94
C PRO B 21 -1.43 2.45 -9.53
N LYS B 22 -2.74 2.62 -9.62
CA LYS B 22 -3.63 1.61 -10.12
C LYS B 22 -3.26 1.09 -11.53
N TRP B 23 -2.88 1.98 -12.45
CA TRP B 23 -2.54 1.54 -13.79
C TRP B 23 -1.43 0.50 -13.79
N PHE B 24 -0.44 0.67 -12.90
CA PHE B 24 0.69 -0.27 -12.87
C PHE B 24 0.22 -1.63 -12.35
N ASP B 25 -0.53 -1.59 -11.28
CA ASP B 25 -1.09 -2.79 -10.69
C ASP B 25 -1.93 -3.59 -11.71
N LYS B 26 -2.66 -2.89 -12.55
CA LYS B 26 -3.51 -3.53 -13.54
C LYS B 26 -2.82 -3.89 -14.86
N ALA B 27 -1.68 -3.24 -15.13
CA ALA B 27 -0.94 -3.41 -16.41
C ALA B 27 -0.46 -4.83 -16.70
N LYS B 28 0.12 -5.48 -15.66
CA LYS B 28 0.64 -6.85 -15.67
C LYS B 28 1.82 -7.18 -16.56
N PHE B 29 1.93 -6.45 -17.65
CA PHE B 29 2.96 -6.81 -18.63
C PHE B 29 3.60 -5.60 -19.28
N GLY B 30 4.93 -5.52 -19.15
CA GLY B 30 5.63 -4.40 -19.76
C GLY B 30 6.82 -4.93 -20.52
N ILE B 31 7.39 -4.07 -21.37
CA ILE B 31 8.55 -4.41 -22.19
C ILE B 31 9.80 -3.60 -21.72
N PHE B 32 10.89 -4.31 -21.41
CA PHE B 32 12.16 -3.67 -21.00
C PHE B 32 12.98 -3.57 -22.31
N ILE B 33 13.75 -2.50 -22.51
CA ILE B 33 14.62 -2.44 -23.69
C ILE B 33 16.04 -2.08 -23.30
N HIS B 34 16.97 -3.02 -23.42
CA HIS B 34 18.39 -2.73 -23.12
C HIS B 34 18.99 -2.47 -24.52
N TRP B 35 19.32 -1.21 -24.79
CA TRP B 35 19.82 -0.82 -26.11
C TRP B 35 20.85 0.27 -25.89
N GLY B 36 22.00 0.14 -26.56
CA GLY B 36 23.07 1.14 -26.42
C GLY B 36 24.23 0.87 -27.37
N ILE B 37 25.40 1.44 -27.11
CA ILE B 37 26.51 1.19 -28.04
C ILE B 37 27.00 -0.26 -27.94
N TYR B 38 26.71 -0.92 -26.81
CA TYR B 38 27.07 -2.32 -26.65
C TYR B 38 26.25 -3.17 -27.62
N SER B 39 25.15 -2.63 -28.12
CA SER B 39 24.36 -3.44 -29.05
C SER B 39 25.14 -3.57 -30.44
N VAL B 40 26.13 -2.70 -30.71
CA VAL B 40 26.86 -2.81 -31.99
C VAL B 40 27.67 -4.12 -31.97
N PRO B 41 28.62 -4.27 -31.06
CA PRO B 41 29.30 -5.57 -31.14
C PRO B 41 28.30 -6.70 -30.84
N GLY B 42 27.28 -6.41 -30.01
CA GLY B 42 26.23 -7.40 -29.66
C GLY B 42 26.77 -8.81 -29.50
N TRP B 43 27.69 -9.00 -28.55
CA TRP B 43 28.35 -10.28 -28.36
C TRP B 43 28.63 -10.66 -26.88
N ALA B 44 28.35 -11.91 -26.54
CA ALA B 44 28.65 -12.46 -25.21
C ALA B 44 28.68 -13.99 -25.31
N THR B 45 29.37 -14.66 -24.40
CA THR B 45 29.33 -16.12 -24.37
C THR B 45 28.04 -16.43 -23.58
N PRO B 46 27.07 -17.16 -24.18
CA PRO B 46 25.80 -17.54 -23.55
C PRO B 46 25.97 -18.55 -22.41
N THR B 47 26.82 -18.23 -21.45
CA THR B 47 27.12 -19.14 -20.35
C THR B 47 25.98 -19.84 -19.63
N GLY B 48 24.94 -19.11 -19.26
CA GLY B 48 23.81 -19.69 -18.54
C GLY B 48 22.98 -18.63 -17.86
N GLU B 49 22.12 -19.05 -16.93
CA GLU B 49 21.25 -18.13 -16.20
C GLU B 49 21.88 -17.70 -14.90
N LEU B 50 21.49 -16.51 -14.45
CA LEU B 50 22.03 -15.97 -13.20
C LEU B 50 21.48 -16.80 -12.06
N GLY B 51 22.36 -17.21 -11.15
CA GLY B 51 21.94 -18.06 -10.05
C GLY B 51 22.38 -19.48 -10.36
N LYS B 52 22.61 -19.78 -11.63
CA LYS B 52 23.03 -21.13 -11.99
C LYS B 52 24.51 -21.16 -12.41
N VAL B 53 25.05 -20.02 -12.83
CA VAL B 53 26.47 -19.94 -13.19
C VAL B 53 27.27 -19.50 -11.95
N PRO B 54 28.36 -20.22 -11.62
CA PRO B 54 29.21 -19.89 -10.46
C PRO B 54 29.70 -18.44 -10.52
N MET B 55 29.57 -17.72 -9.41
CA MET B 55 29.97 -16.32 -9.39
C MET B 55 31.46 -16.02 -9.45
N ASP B 56 32.31 -17.04 -9.27
CA ASP B 56 33.76 -16.84 -9.32
C ASP B 56 34.17 -16.86 -10.78
N ALA B 57 33.22 -17.19 -11.66
CA ALA B 57 33.51 -17.20 -13.09
C ALA B 57 32.59 -16.26 -13.86
N TRP B 58 31.43 -15.97 -13.28
CA TRP B 58 30.44 -15.13 -13.95
C TRP B 58 30.99 -13.94 -14.74
N PHE B 59 31.74 -13.06 -14.08
CA PHE B 59 32.22 -11.86 -14.76
C PHE B 59 33.29 -12.08 -15.82
N PHE B 60 33.90 -13.27 -15.78
CA PHE B 60 34.96 -13.67 -16.74
C PHE B 60 34.38 -14.28 -17.99
N GLN B 61 33.12 -14.72 -17.91
CA GLN B 61 32.42 -15.30 -19.05
C GLN B 61 30.98 -14.84 -18.93
N ASN B 62 30.84 -13.52 -18.91
CA ASN B 62 29.59 -12.85 -18.72
C ASN B 62 28.60 -13.08 -19.87
N PRO B 63 27.42 -13.64 -19.56
CA PRO B 63 26.41 -13.87 -20.61
C PRO B 63 25.65 -12.61 -20.96
N TYR B 64 25.88 -11.50 -20.23
CA TYR B 64 25.17 -10.23 -20.52
C TYR B 64 25.99 -9.41 -21.54
N ALA B 65 25.49 -9.31 -22.75
CA ALA B 65 26.20 -8.58 -23.83
C ALA B 65 26.32 -7.11 -23.51
N GLU B 66 25.41 -6.58 -22.66
CA GLU B 66 25.51 -5.16 -22.31
C GLU B 66 26.71 -4.91 -21.37
N TRP B 67 27.34 -5.98 -20.83
CA TRP B 67 28.51 -5.84 -19.96
C TRP B 67 29.80 -5.92 -20.75
N TYR B 68 29.65 -5.80 -22.06
CA TYR B 68 30.80 -5.88 -22.97
C TYR B 68 32.02 -5.06 -22.51
N GLU B 69 31.82 -3.79 -22.15
CA GLU B 69 32.94 -2.96 -21.74
C GLU B 69 33.65 -3.53 -20.55
N ASN B 70 32.90 -3.87 -19.50
CA ASN B 70 33.53 -4.48 -18.33
C ASN B 70 34.34 -5.73 -18.71
N SER B 71 33.72 -6.58 -19.52
CA SER B 71 34.36 -7.80 -19.99
C SER B 71 35.61 -7.49 -20.80
N LEU B 72 35.53 -6.46 -21.64
CA LEU B 72 36.69 -6.05 -22.41
C LEU B 72 37.82 -5.56 -21.53
N ARG B 73 37.49 -4.94 -20.39
CA ARG B 73 38.55 -4.47 -19.48
C ARG B 73 39.26 -5.68 -18.79
N ILE B 74 38.67 -6.88 -18.85
CA ILE B 74 39.30 -8.06 -18.26
C ILE B 74 40.09 -8.72 -19.42
N LYS B 75 41.40 -8.52 -19.42
CA LYS B 75 42.25 -9.06 -20.49
C LYS B 75 42.15 -10.59 -20.66
N GLU B 76 42.13 -11.02 -21.90
CA GLU B 76 42.04 -12.45 -22.15
C GLU B 76 40.72 -13.08 -21.69
N SER B 77 39.70 -12.27 -21.39
CA SER B 77 38.40 -12.85 -21.10
C SER B 77 37.99 -13.22 -22.54
N PRO B 78 36.91 -13.99 -22.72
CA PRO B 78 36.54 -14.30 -24.11
C PRO B 78 36.24 -13.03 -24.92
N THR B 79 35.68 -12.01 -24.24
CA THR B 79 35.34 -10.77 -24.91
C THR B 79 36.58 -10.06 -25.43
N TRP B 80 37.60 -10.02 -24.59
CA TRP B 80 38.84 -9.40 -24.96
C TRP B 80 39.37 -10.12 -26.23
N GLU B 81 39.45 -11.45 -26.22
CA GLU B 81 39.94 -12.17 -27.41
C GLU B 81 39.07 -11.82 -28.59
N TYR B 82 37.76 -11.95 -28.42
CA TYR B 82 36.85 -11.63 -29.50
C TYR B 82 37.07 -10.21 -30.04
N HIS B 83 37.15 -9.25 -29.12
CA HIS B 83 37.32 -7.88 -29.52
C HIS B 83 38.60 -7.65 -30.33
N VAL B 84 39.70 -8.15 -29.80
CA VAL B 84 40.98 -7.98 -30.42
C VAL B 84 41.00 -8.56 -31.80
N LYS B 85 40.48 -9.79 -31.93
CA LYS B 85 40.43 -10.45 -33.23
C LYS B 85 39.50 -9.76 -34.19
N THR B 86 38.40 -9.21 -33.69
CA THR B 86 37.38 -8.59 -34.54
C THR B 86 37.53 -7.09 -34.82
N TYR B 87 37.92 -6.33 -33.80
CA TYR B 87 38.02 -4.89 -33.91
C TYR B 87 39.45 -4.40 -33.75
N GLY B 88 40.23 -5.19 -33.04
CA GLY B 88 41.61 -4.85 -32.82
C GLY B 88 41.87 -4.15 -31.51
N GLU B 89 43.14 -4.19 -31.13
CA GLU B 89 43.55 -3.55 -29.91
C GLU B 89 43.49 -2.05 -29.94
N ASN B 90 43.57 -1.47 -31.13
CA ASN B 90 43.56 -0.01 -31.21
C ASN B 90 42.12 0.47 -31.36
N PHE B 91 41.18 -0.33 -30.89
CA PHE B 91 39.78 0.02 -31.02
C PHE B 91 39.17 0.14 -29.64
N GLU B 92 39.08 1.36 -29.10
CA GLU B 92 38.48 1.56 -27.74
C GLU B 92 36.97 1.43 -27.78
N TYR B 93 36.41 0.90 -26.70
CA TYR B 93 34.95 0.72 -26.53
C TYR B 93 34.12 1.96 -26.90
N GLU B 94 34.57 3.14 -26.47
CA GLU B 94 33.84 4.37 -26.76
C GLU B 94 33.64 4.58 -28.26
N LYS B 95 34.53 4.05 -29.07
CA LYS B 95 34.42 4.22 -30.53
C LYS B 95 33.08 3.61 -30.99
N PHE B 96 32.55 2.64 -30.23
CA PHE B 96 31.28 2.05 -30.65
C PHE B 96 30.14 3.06 -30.70
N ALA B 97 30.25 4.17 -29.93
CA ALA B 97 29.21 5.23 -29.94
C ALA B 97 29.09 5.87 -31.36
N ASP B 98 30.18 5.91 -32.08
CA ASP B 98 30.14 6.47 -33.42
C ASP B 98 29.59 5.49 -34.43
N LEU B 99 29.60 4.22 -34.07
CA LEU B 99 29.07 3.19 -34.96
C LEU B 99 27.62 2.92 -34.67
N PHE B 100 27.14 3.37 -33.52
CA PHE B 100 25.74 3.16 -33.13
C PHE B 100 24.84 4.18 -33.91
N THR B 101 24.50 3.85 -35.14
CA THR B 101 23.73 4.79 -35.93
C THR B 101 22.24 4.56 -36.01
N ALA B 102 21.76 3.43 -35.49
CA ALA B 102 20.31 3.23 -35.46
C ALA B 102 19.69 3.55 -36.84
N GLU B 103 20.42 3.16 -37.88
CA GLU B 103 20.05 3.44 -39.26
C GLU B 103 18.63 3.01 -39.61
N LYS B 104 18.21 1.85 -39.09
CA LYS B 104 16.87 1.36 -39.40
C LYS B 104 15.83 1.50 -38.28
N TRP B 105 16.08 2.39 -37.34
CA TRP B 105 15.16 2.58 -36.24
C TRP B 105 13.92 3.32 -36.65
N ASP B 106 12.77 2.82 -36.23
CA ASP B 106 11.48 3.47 -36.50
C ASP B 106 10.74 3.31 -35.18
N PRO B 107 10.73 4.36 -34.36
CA PRO B 107 10.05 4.25 -33.06
C PRO B 107 8.58 3.85 -33.10
N GLN B 108 7.86 4.26 -34.16
CA GLN B 108 6.45 3.86 -34.27
C GLN B 108 6.30 2.38 -34.54
N GLU B 109 7.19 1.80 -35.33
CA GLU B 109 7.11 0.35 -35.55
C GLU B 109 7.30 -0.39 -34.20
N TRP B 110 8.30 0.02 -33.40
CA TRP B 110 8.60 -0.58 -32.08
C TRP B 110 7.36 -0.52 -31.21
N ALA B 111 6.79 0.67 -31.16
CA ALA B 111 5.60 0.92 -30.37
C ALA B 111 4.44 0.04 -30.85
N ASP B 112 4.29 -0.09 -32.17
CA ASP B 112 3.23 -0.92 -32.69
C ASP B 112 3.51 -2.36 -32.31
N LEU B 113 4.77 -2.79 -32.44
CA LEU B 113 5.08 -4.18 -32.08
C LEU B 113 4.77 -4.46 -30.58
N PHE B 114 5.22 -3.56 -29.69
CA PHE B 114 5.04 -3.74 -28.24
C PHE B 114 3.57 -3.81 -27.89
N LYS B 115 2.78 -2.97 -28.54
CA LYS B 115 1.34 -2.96 -28.34
C LYS B 115 0.73 -4.30 -28.81
N LYS B 116 1.13 -4.74 -30.02
CA LYS B 116 0.64 -6.03 -30.52
C LYS B 116 1.08 -7.18 -29.60
N ALA B 117 2.23 -7.02 -28.92
CA ALA B 117 2.69 -8.08 -28.03
C ALA B 117 1.86 -8.18 -26.73
N GLY B 118 1.01 -7.20 -26.48
CA GLY B 118 0.18 -7.23 -25.28
C GLY B 118 0.72 -6.32 -24.18
N ALA B 119 1.86 -5.66 -24.41
CA ALA B 119 2.46 -4.80 -23.37
C ALA B 119 1.70 -3.53 -23.09
N LYS B 120 1.73 -3.06 -21.83
CA LYS B 120 1.04 -1.85 -21.42
C LYS B 120 1.99 -0.71 -21.01
N TYR B 121 3.27 -1.01 -20.94
CA TYR B 121 4.23 0.02 -20.61
C TYR B 121 5.54 -0.42 -21.20
N VAL B 122 6.39 0.56 -21.46
CA VAL B 122 7.67 0.33 -22.08
C VAL B 122 8.75 1.09 -21.33
N ILE B 123 9.89 0.43 -21.11
CA ILE B 123 10.97 1.09 -20.37
C ILE B 123 12.34 0.81 -20.99
N PRO B 124 12.91 1.81 -21.65
CA PRO B 124 14.23 1.66 -22.26
C PRO B 124 15.35 2.11 -21.29
N THR B 125 16.56 1.61 -21.53
CA THR B 125 17.74 2.00 -20.78
C THR B 125 18.12 3.40 -21.26
N THR B 126 17.98 4.41 -20.40
CA THR B 126 18.35 5.75 -20.82
C THR B 126 19.86 5.91 -20.68
N LYS B 127 20.45 5.18 -19.72
CA LYS B 127 21.91 5.19 -19.49
C LYS B 127 22.20 3.89 -18.79
N HIS B 128 23.01 3.03 -19.39
CA HIS B 128 23.30 1.78 -18.71
C HIS B 128 24.69 1.94 -18.03
N HIS B 129 25.31 0.86 -17.61
CA HIS B 129 26.58 1.00 -16.85
C HIS B 129 27.73 1.70 -17.56
N ASP B 130 27.72 1.64 -18.90
CA ASP B 130 28.80 2.22 -19.68
C ASP B 130 28.65 3.74 -19.69
N GLY B 131 27.56 4.26 -19.12
CA GLY B 131 27.45 5.69 -19.03
C GLY B 131 27.01 6.41 -20.31
N PHE B 132 26.78 5.71 -21.41
CA PHE B 132 26.32 6.38 -22.62
C PHE B 132 24.81 6.72 -22.46
N CYS B 133 24.47 7.96 -22.73
CA CYS B 133 23.09 8.43 -22.57
C CYS B 133 22.32 8.49 -23.90
N LEU B 134 21.10 7.93 -23.87
CA LEU B 134 20.27 7.89 -25.07
C LEU B 134 19.29 9.05 -25.26
N TRP B 135 19.62 10.22 -24.71
CA TRP B 135 18.84 11.45 -24.84
C TRP B 135 19.83 12.60 -24.88
N GLY B 136 19.40 13.78 -25.32
CA GLY B 136 20.32 14.91 -25.39
C GLY B 136 20.60 15.56 -24.04
N THR B 137 21.23 14.82 -23.13
CA THR B 137 21.46 15.38 -21.78
C THR B 137 22.45 16.53 -21.82
N LYS B 138 22.28 17.53 -20.94
CA LYS B 138 23.27 18.57 -20.99
C LYS B 138 24.41 18.31 -20.01
N TYR B 139 24.41 17.15 -19.37
CA TYR B 139 25.45 16.91 -18.41
C TYR B 139 26.64 16.09 -18.86
N THR B 140 26.60 15.62 -20.11
CA THR B 140 27.72 14.87 -20.69
C THR B 140 27.55 14.94 -22.21
N ASP B 141 28.67 14.91 -22.94
CA ASP B 141 28.58 14.87 -24.41
C ASP B 141 28.58 13.44 -24.92
N PHE B 142 28.68 12.47 -23.99
CA PHE B 142 28.67 11.06 -24.38
C PHE B 142 27.17 10.65 -24.50
N ASN B 143 26.52 11.10 -25.57
CA ASN B 143 25.12 10.85 -25.70
C ASN B 143 24.69 10.68 -27.15
N SER B 144 23.46 10.17 -27.34
CA SER B 144 22.95 9.86 -28.67
C SER B 144 22.72 11.09 -29.61
N VAL B 145 22.54 12.27 -29.04
CA VAL B 145 22.31 13.44 -29.88
C VAL B 145 23.67 13.88 -30.45
N LYS B 146 24.74 13.83 -29.65
CA LYS B 146 26.06 14.25 -30.11
C LYS B 146 26.83 13.19 -30.89
N ARG B 147 26.57 11.92 -30.63
CA ARG B 147 27.32 10.85 -31.29
C ARG B 147 26.40 10.00 -32.12
N GLY B 148 26.93 8.91 -32.66
CA GLY B 148 26.16 7.96 -33.46
C GLY B 148 24.79 8.27 -34.04
N PRO B 149 23.70 8.05 -33.29
CA PRO B 149 22.34 8.32 -33.83
C PRO B 149 22.03 9.76 -34.24
N LYS B 150 22.65 10.73 -33.58
CA LYS B 150 22.36 12.15 -33.81
C LYS B 150 20.86 12.26 -33.57
N ARG B 151 20.38 11.71 -32.46
CA ARG B 151 18.94 11.72 -32.24
C ARG B 151 18.58 11.50 -30.77
N ASP B 152 17.50 12.10 -30.31
CA ASP B 152 17.02 11.91 -28.93
C ASP B 152 16.20 10.61 -28.94
N LEU B 153 16.87 9.48 -28.70
CA LEU B 153 16.20 8.18 -28.75
C LEU B 153 15.10 8.03 -27.69
N VAL B 154 15.43 8.44 -26.46
CA VAL B 154 14.46 8.40 -25.36
C VAL B 154 13.19 9.21 -25.68
N GLY B 155 13.35 10.47 -26.08
CA GLY B 155 12.18 11.30 -26.38
C GLY B 155 11.36 10.80 -27.57
N ASP B 156 12.04 10.43 -28.66
CA ASP B 156 11.31 9.95 -29.82
C ASP B 156 10.60 8.65 -29.50
N LEU B 157 11.21 7.79 -28.68
CA LEU B 157 10.49 6.56 -28.35
C LEU B 157 9.31 6.90 -27.42
N ALA B 158 9.52 7.85 -26.51
CA ALA B 158 8.50 8.23 -25.54
C ALA B 158 7.22 8.67 -26.28
N LYS B 159 7.44 9.54 -27.27
CA LYS B 159 6.36 10.07 -28.08
C LYS B 159 5.64 8.93 -28.80
N ALA B 160 6.36 7.98 -29.38
CA ALA B 160 5.69 6.89 -30.08
C ALA B 160 4.92 5.96 -29.14
N VAL B 161 5.53 5.61 -28.02
CA VAL B 161 4.92 4.68 -27.06
C VAL B 161 3.59 5.27 -26.56
N ARG B 162 3.59 6.58 -26.30
CA ARG B 162 2.41 7.29 -25.80
C ARG B 162 1.35 7.46 -26.87
N GLU B 163 1.77 7.68 -28.11
CA GLU B 163 0.77 7.77 -29.15
C GLU B 163 0.08 6.41 -29.36
N ALA B 164 0.77 5.32 -29.07
CA ALA B 164 0.15 4.02 -29.20
C ALA B 164 -0.67 3.72 -27.94
N GLY B 165 -0.77 4.68 -27.02
CA GLY B 165 -1.55 4.44 -25.81
C GLY B 165 -0.86 3.65 -24.70
N LEU B 166 0.47 3.46 -24.79
CA LEU B 166 1.19 2.75 -23.74
C LEU B 166 1.82 3.72 -22.76
N ARG B 167 2.11 3.26 -21.55
CA ARG B 167 2.76 4.06 -20.53
C ARG B 167 4.30 3.98 -20.86
N PHE B 168 5.07 4.98 -20.41
CA PHE B 168 6.52 5.08 -20.68
C PHE B 168 7.32 5.33 -19.42
N GLY B 169 8.25 4.45 -19.13
CA GLY B 169 9.11 4.59 -17.95
C GLY B 169 10.55 4.75 -18.45
N VAL B 170 11.47 4.97 -17.51
CA VAL B 170 12.88 5.09 -17.86
C VAL B 170 13.73 4.28 -16.90
N TYR B 171 14.73 3.60 -17.47
CA TYR B 171 15.69 2.87 -16.71
C TYR B 171 16.92 3.80 -16.68
N TYR B 172 17.56 3.87 -15.52
CA TYR B 172 18.75 4.65 -15.34
C TYR B 172 19.71 3.87 -14.43
N SER B 173 20.96 3.72 -14.85
CA SER B 173 21.98 3.04 -14.07
C SER B 173 22.56 4.02 -13.05
N GLY B 174 21.84 4.22 -11.94
CA GLY B 174 22.36 5.13 -10.96
C GLY B 174 23.54 4.60 -10.20
N GLY B 175 23.60 3.29 -10.00
CA GLY B 175 24.68 2.77 -9.17
C GLY B 175 26.02 2.47 -9.80
N LEU B 176 26.04 2.40 -11.14
CA LEU B 176 27.26 2.11 -11.84
C LEU B 176 27.36 3.01 -13.06
N ASP B 177 28.58 3.51 -13.27
CA ASP B 177 28.89 4.32 -14.44
C ASP B 177 30.39 4.17 -14.70
N TRP B 178 30.70 3.36 -15.70
CA TRP B 178 32.08 3.04 -16.04
C TRP B 178 32.89 4.19 -16.60
N ARG B 179 32.25 5.33 -16.82
CA ARG B 179 33.02 6.49 -17.27
C ARG B 179 33.69 7.06 -16.01
N PHE B 180 33.31 6.58 -14.83
CA PHE B 180 33.91 7.10 -13.60
C PHE B 180 34.84 6.10 -12.88
N THR B 181 35.10 4.97 -13.50
CA THR B 181 35.98 4.01 -12.89
C THR B 181 36.89 3.46 -14.02
N THR B 182 38.00 2.80 -13.64
CA THR B 182 38.86 2.23 -14.66
C THR B 182 38.96 0.69 -14.51
N GLU B 183 38.89 0.20 -13.30
CA GLU B 183 39.04 -1.21 -13.05
C GLU B 183 37.71 -1.96 -13.24
N PRO B 184 37.75 -3.13 -13.91
CA PRO B 184 36.52 -3.88 -14.12
C PRO B 184 36.10 -4.63 -12.85
N ILE B 185 34.85 -5.05 -12.83
CA ILE B 185 34.30 -5.88 -11.76
C ILE B 185 34.73 -7.29 -12.18
N ARG B 186 35.44 -8.01 -11.31
CA ARG B 186 35.84 -9.40 -11.64
C ARG B 186 35.15 -10.38 -10.76
N TYR B 187 34.74 -9.89 -9.58
CA TYR B 187 34.04 -10.67 -8.56
C TYR B 187 32.91 -9.87 -7.95
N PRO B 188 31.83 -10.55 -7.52
CA PRO B 188 30.68 -9.87 -6.90
C PRO B 188 31.14 -8.87 -5.82
N GLU B 189 32.11 -9.26 -5.01
CA GLU B 189 32.64 -8.38 -3.96
C GLU B 189 33.25 -7.07 -4.47
N ASP B 190 33.75 -7.05 -5.69
CA ASP B 190 34.30 -5.82 -6.24
C ASP B 190 33.21 -4.71 -6.28
N LEU B 191 31.93 -5.09 -6.37
CA LEU B 191 30.84 -4.11 -6.43
C LEU B 191 30.73 -3.30 -5.14
N SER B 192 31.35 -3.78 -4.04
CA SER B 192 31.24 -3.01 -2.80
C SER B 192 32.19 -1.80 -2.84
N TYR B 193 33.14 -1.77 -3.77
CA TYR B 193 34.02 -0.62 -3.75
C TYR B 193 34.35 -0.03 -5.12
N ILE B 194 34.16 -0.78 -6.21
CA ILE B 194 34.46 -0.19 -7.54
C ILE B 194 33.20 0.48 -8.06
N ARG B 195 33.03 1.74 -7.68
CA ARG B 195 31.87 2.57 -7.98
C ARG B 195 32.44 3.97 -8.13
N PRO B 196 31.64 4.91 -8.70
CA PRO B 196 32.14 6.28 -8.88
C PRO B 196 32.63 6.85 -7.54
N ASN B 197 31.86 6.67 -6.48
CA ASN B 197 32.26 7.12 -5.12
C ASN B 197 32.37 8.62 -4.80
N THR B 198 32.39 9.48 -5.82
CA THR B 198 32.53 10.90 -5.59
C THR B 198 31.23 11.69 -5.36
N TYR B 199 31.34 12.88 -4.76
CA TYR B 199 30.20 13.78 -4.58
C TYR B 199 29.77 14.20 -6.00
N GLU B 200 30.77 14.37 -6.86
CA GLU B 200 30.53 14.76 -8.23
C GLU B 200 29.56 13.75 -8.90
N TYR B 201 29.82 12.45 -8.76
CA TYR B 201 28.94 11.47 -9.37
C TYR B 201 27.51 11.54 -8.77
N ALA B 202 27.41 11.72 -7.44
CA ALA B 202 26.08 11.82 -6.81
C ALA B 202 25.28 12.97 -7.43
N ASP B 203 25.93 14.11 -7.60
CA ASP B 203 25.29 15.29 -8.22
C ASP B 203 24.80 14.99 -9.64
N TYR B 204 25.68 14.37 -10.41
CA TYR B 204 25.42 13.99 -11.82
C TYR B 204 24.20 13.06 -11.93
N ALA B 205 24.14 12.04 -11.09
CA ALA B 205 23.02 11.11 -11.14
C ALA B 205 21.73 11.87 -10.78
N TYR B 206 21.81 12.70 -9.75
CA TYR B 206 20.67 13.51 -9.34
C TYR B 206 20.24 14.44 -10.48
N LYS B 207 21.19 15.16 -11.07
CA LYS B 207 20.84 16.09 -12.17
C LYS B 207 20.28 15.35 -13.38
N GLN B 208 20.82 14.20 -13.69
CA GLN B 208 20.27 13.47 -14.85
C GLN B 208 18.89 12.87 -14.61
N VAL B 209 18.59 12.33 -13.41
CA VAL B 209 17.24 11.77 -13.25
C VAL B 209 16.23 12.93 -13.23
N MET B 210 16.59 14.05 -12.56
CA MET B 210 15.72 15.26 -12.55
C MET B 210 15.52 15.73 -14.02
N GLU B 211 16.55 15.59 -14.85
CA GLU B 211 16.44 16.02 -16.24
C GLU B 211 15.44 15.14 -16.97
N LEU B 212 15.48 13.83 -16.71
CA LEU B 212 14.56 12.92 -17.35
C LEU B 212 13.13 13.21 -16.87
N VAL B 213 12.99 13.55 -15.59
CA VAL B 213 11.71 13.88 -15.03
C VAL B 213 11.19 15.15 -15.74
N ASP B 214 11.97 16.22 -15.76
CA ASP B 214 11.54 17.47 -16.44
C ASP B 214 11.29 17.31 -17.97
N LEU B 215 12.10 16.54 -18.69
CA LEU B 215 11.91 16.44 -20.13
C LEU B 215 10.83 15.52 -20.61
N TYR B 216 10.71 14.37 -19.92
CA TYR B 216 9.81 13.31 -20.35
C TYR B 216 8.73 12.91 -19.35
N LEU B 217 8.83 13.39 -18.10
CA LEU B 217 7.87 13.04 -17.05
C LEU B 217 7.42 11.58 -17.14
N PRO B 218 8.38 10.65 -16.99
CA PRO B 218 8.06 9.21 -17.09
C PRO B 218 7.07 8.68 -16.02
N ASP B 219 6.41 7.57 -16.39
CA ASP B 219 5.42 6.90 -15.57
C ASP B 219 6.07 5.97 -14.56
N VAL B 220 7.36 5.71 -14.78
CA VAL B 220 8.15 4.85 -13.93
C VAL B 220 9.60 5.34 -13.96
N LEU B 221 10.22 5.36 -12.77
CA LEU B 221 11.65 5.69 -12.62
C LEU B 221 12.22 4.36 -12.12
N TRP B 222 12.93 3.69 -13.03
CA TRP B 222 13.50 2.37 -12.78
C TRP B 222 15.02 2.46 -12.60
N ASN B 223 15.47 2.65 -11.37
CA ASN B 223 16.91 2.77 -11.11
C ASN B 223 17.53 1.36 -11.05
N ASP B 224 18.84 1.25 -11.21
CA ASP B 224 19.47 -0.06 -11.10
C ASP B 224 20.79 0.08 -10.37
N MET B 225 21.17 -0.99 -9.67
CA MET B 225 22.41 -1.11 -8.93
C MET B 225 22.58 -0.22 -7.68
N GLY B 226 21.47 0.22 -7.11
CA GLY B 226 21.50 1.08 -5.94
C GLY B 226 21.76 2.51 -6.34
N TRP B 227 21.66 3.41 -5.35
CA TRP B 227 21.90 4.81 -5.58
C TRP B 227 23.13 5.21 -4.80
N PRO B 228 24.01 6.06 -5.40
CA PRO B 228 25.24 6.53 -4.73
C PRO B 228 24.88 6.94 -3.29
N GLU B 229 25.62 6.38 -2.36
CA GLU B 229 25.43 6.64 -0.94
C GLU B 229 25.41 8.12 -0.62
N LYS B 230 26.33 8.91 -1.21
CA LYS B 230 26.33 10.36 -0.95
C LYS B 230 25.11 11.10 -1.52
N GLY B 231 24.35 10.41 -2.39
CA GLY B 231 23.18 11.02 -2.98
C GLY B 231 21.83 10.51 -2.46
N LYS B 232 21.85 9.50 -1.58
CA LYS B 232 20.58 8.94 -1.07
C LYS B 232 19.60 9.93 -0.45
N GLU B 233 20.10 10.91 0.31
CA GLU B 233 19.23 11.90 0.91
C GLU B 233 18.62 12.76 -0.17
N ASP B 234 19.25 12.85 -1.32
CA ASP B 234 18.67 13.67 -2.41
C ASP B 234 17.32 13.09 -2.90
N LEU B 235 17.18 11.77 -2.79
CA LEU B 235 15.98 11.10 -3.30
C LEU B 235 14.70 11.52 -2.62
N LYS B 236 14.77 11.98 -1.36
CA LYS B 236 13.56 12.48 -0.68
C LYS B 236 13.00 13.63 -1.51
N TYR B 237 13.89 14.50 -1.95
CA TYR B 237 13.48 15.68 -2.73
C TYR B 237 13.07 15.28 -4.16
N LEU B 238 13.87 14.42 -4.79
CA LEU B 238 13.59 13.96 -6.13
C LEU B 238 12.23 13.24 -6.20
N PHE B 239 11.94 12.35 -5.24
CA PHE B 239 10.68 11.65 -5.22
C PHE B 239 9.55 12.64 -5.01
N ALA B 240 9.69 13.59 -4.07
CA ALA B 240 8.58 14.58 -3.88
C ALA B 240 8.37 15.43 -5.14
N TYR B 241 9.48 15.93 -5.68
CA TYR B 241 9.45 16.75 -6.88
C TYR B 241 8.69 15.97 -7.97
N TYR B 242 9.09 14.73 -8.21
CA TYR B 242 8.48 13.84 -9.21
C TYR B 242 6.97 13.59 -8.97
N TYR B 243 6.63 13.11 -7.78
CA TYR B 243 5.23 12.83 -7.49
C TYR B 243 4.38 14.08 -7.52
N ASN B 244 4.92 15.23 -7.09
CA ASN B 244 4.09 16.42 -7.16
C ASN B 244 3.82 16.86 -8.61
N LYS B 245 4.70 16.50 -9.54
CA LYS B 245 4.41 16.80 -10.95
C LYS B 245 3.57 15.66 -11.57
N HIS B 246 3.76 14.41 -11.12
CA HIS B 246 3.06 13.24 -11.72
C HIS B 246 2.65 12.27 -10.61
N PRO B 247 1.52 12.53 -9.95
CA PRO B 247 1.16 11.57 -8.87
C PRO B 247 0.98 10.12 -9.32
N GLU B 248 0.68 9.91 -10.61
CA GLU B 248 0.54 8.56 -11.10
C GLU B 248 1.88 7.93 -11.53
N GLY B 249 2.98 8.63 -11.26
CA GLY B 249 4.28 8.07 -11.56
C GLY B 249 4.57 7.03 -10.48
N SER B 250 5.69 6.32 -10.63
CA SER B 250 6.06 5.26 -9.69
C SER B 250 7.59 5.08 -9.74
N VAL B 251 8.08 4.42 -8.71
CA VAL B 251 9.51 4.21 -8.50
C VAL B 251 9.73 2.73 -8.08
N ASN B 252 10.78 2.09 -8.63
CA ASN B 252 11.07 0.72 -8.26
C ASN B 252 11.79 0.71 -6.89
N ASP B 253 12.44 -0.41 -6.56
CA ASP B 253 13.04 -0.63 -5.24
C ASP B 253 14.57 -0.86 -5.26
N ARG B 254 15.24 -0.21 -6.22
CA ARG B 254 16.68 -0.38 -6.36
C ARG B 254 17.44 0.90 -6.04
N TRP B 255 16.94 1.68 -5.08
CA TRP B 255 17.57 2.92 -4.68
C TRP B 255 18.30 2.76 -3.34
N GLY B 256 17.92 1.78 -2.54
CA GLY B 256 18.58 1.61 -1.24
C GLY B 256 18.14 2.67 -0.25
N VAL B 257 16.90 3.17 -0.38
CA VAL B 257 16.36 4.12 0.59
C VAL B 257 15.02 3.55 1.08
N PRO B 258 14.40 4.15 2.10
CA PRO B 258 13.13 3.58 2.59
C PRO B 258 11.94 3.43 1.67
N HIS B 259 11.86 4.29 0.67
CA HIS B 259 10.72 4.29 -0.20
C HIS B 259 10.86 3.59 -1.57
N TRP B 260 9.72 3.02 -2.01
CA TRP B 260 9.57 2.38 -3.34
C TRP B 260 8.08 2.12 -3.53
N ASP B 261 7.66 2.05 -4.78
CA ASP B 261 6.25 1.73 -5.07
C ASP B 261 6.04 0.25 -5.38
N PHE B 262 7.03 -0.41 -5.95
CA PHE B 262 6.93 -1.83 -6.23
C PHE B 262 8.32 -2.45 -6.15
N LYS B 263 8.37 -3.74 -5.81
CA LYS B 263 9.62 -4.44 -5.69
C LYS B 263 9.95 -5.12 -7.01
N THR B 264 11.21 -5.54 -7.13
CA THR B 264 11.68 -6.17 -8.35
C THR B 264 12.30 -7.48 -7.99
N ALA B 265 12.22 -8.44 -8.91
CA ALA B 265 12.73 -9.80 -8.67
C ALA B 265 13.18 -10.40 -9.98
N GLU B 266 14.09 -11.35 -9.83
CA GLU B 266 14.72 -12.09 -10.92
C GLU B 266 14.76 -13.53 -10.41
N TYR B 267 15.13 -14.49 -11.26
CA TYR B 267 15.16 -15.87 -10.77
C TYR B 267 15.82 -16.04 -9.41
N HIS B 268 17.07 -15.59 -9.32
CA HIS B 268 17.87 -15.71 -8.11
C HIS B 268 17.49 -14.77 -6.96
N VAL B 269 16.72 -13.72 -7.27
CA VAL B 269 16.38 -12.76 -6.23
C VAL B 269 14.94 -12.38 -6.04
N ASN B 270 14.47 -12.57 -4.82
CA ASN B 270 13.13 -12.17 -4.45
C ASN B 270 11.94 -12.83 -5.14
N TYR B 271 12.16 -13.89 -5.91
CA TYR B 271 11.01 -14.51 -6.56
C TYR B 271 10.13 -15.25 -5.55
N PRO B 272 8.86 -14.82 -5.41
CA PRO B 272 7.96 -15.48 -4.45
C PRO B 272 7.43 -16.85 -4.87
N GLY B 273 7.12 -17.67 -3.86
CA GLY B 273 6.59 -19.00 -4.09
C GLY B 273 5.08 -18.93 -3.94
N ASP B 274 4.61 -17.96 -3.15
CA ASP B 274 3.18 -17.75 -2.94
C ASP B 274 2.92 -16.23 -2.89
N LEU B 275 1.76 -15.83 -2.37
CA LEU B 275 1.34 -14.42 -2.31
C LEU B 275 1.99 -13.45 -1.34
N PRO B 276 2.73 -12.43 -1.86
CA PRO B 276 3.36 -11.42 -0.99
C PRO B 276 2.24 -10.38 -0.79
N GLY B 277 2.44 -9.45 0.10
CA GLY B 277 1.39 -8.48 0.33
C GLY B 277 1.72 -7.12 -0.24
N TYR B 278 2.50 -7.09 -1.31
CA TYR B 278 2.87 -5.81 -1.92
C TYR B 278 3.05 -6.02 -3.40
N LYS B 279 2.97 -4.93 -4.14
CA LYS B 279 3.18 -4.99 -5.58
C LYS B 279 4.66 -5.22 -5.92
N TRP B 280 4.91 -6.10 -6.90
CA TRP B 280 6.27 -6.39 -7.36
C TRP B 280 6.25 -6.63 -8.89
N GLU B 281 7.42 -6.82 -9.45
CA GLU B 281 7.55 -7.01 -10.88
C GLU B 281 8.71 -7.96 -11.11
N PHE B 282 8.49 -8.97 -11.94
CA PHE B 282 9.53 -9.95 -12.29
C PHE B 282 10.13 -9.52 -13.64
N THR B 283 11.44 -9.59 -13.73
CA THR B 283 12.07 -9.21 -14.95
C THR B 283 13.08 -10.25 -15.38
N ARG B 284 13.14 -10.47 -16.68
CA ARG B 284 14.13 -11.35 -17.30
C ARG B 284 14.14 -11.09 -18.82
N GLY B 285 15.18 -11.53 -19.50
CA GLY B 285 15.23 -11.33 -20.96
C GLY B 285 14.60 -12.50 -21.72
N ILE B 286 14.34 -12.29 -23.01
CA ILE B 286 13.80 -13.37 -23.85
C ILE B 286 14.95 -14.42 -23.92
N GLY B 287 16.18 -13.92 -23.92
CA GLY B 287 17.36 -14.79 -23.92
C GLY B 287 18.07 -14.77 -22.55
N LEU B 288 19.40 -14.99 -22.56
CA LEU B 288 20.23 -15.01 -21.35
C LEU B 288 20.97 -13.68 -21.14
N SER B 289 20.81 -12.75 -22.07
CA SER B 289 21.47 -11.46 -22.00
C SER B 289 20.37 -10.41 -21.93
N PHE B 290 20.70 -9.16 -21.68
CA PHE B 290 19.66 -8.16 -21.82
C PHE B 290 19.94 -7.43 -23.15
N GLY B 291 21.18 -7.00 -23.34
CA GLY B 291 21.54 -6.35 -24.59
C GLY B 291 21.61 -7.45 -25.67
N TYR B 292 21.43 -7.04 -26.92
CA TYR B 292 21.51 -7.97 -28.04
C TYR B 292 22.77 -8.87 -27.97
N ASN B 293 22.60 -10.19 -28.18
CA ASN B 293 23.75 -11.11 -28.25
C ASN B 293 23.57 -11.95 -29.54
N ARG B 294 24.34 -11.64 -30.58
CA ARG B 294 24.25 -12.37 -31.84
C ARG B 294 24.60 -13.85 -31.65
N ASN B 295 25.24 -14.21 -30.52
CA ASN B 295 25.59 -15.63 -30.32
C ASN B 295 24.43 -16.46 -29.81
N GLU B 296 23.30 -15.83 -29.46
CA GLU B 296 22.21 -16.64 -28.95
C GLU B 296 21.34 -17.23 -30.04
N GLY B 297 20.95 -18.50 -29.86
CA GLY B 297 20.07 -19.15 -30.80
C GLY B 297 18.77 -19.47 -30.06
N PRO B 298 17.79 -20.12 -30.74
CA PRO B 298 16.53 -20.44 -30.07
C PRO B 298 16.72 -21.25 -28.81
N GLU B 299 17.79 -22.03 -28.78
CA GLU B 299 18.07 -22.84 -27.61
C GLU B 299 18.45 -22.04 -26.38
N HIS B 300 18.69 -20.74 -26.50
CA HIS B 300 19.06 -19.93 -25.32
C HIS B 300 17.90 -19.05 -24.90
N MET B 301 16.78 -19.22 -25.57
CA MET B 301 15.61 -18.40 -25.34
C MET B 301 14.39 -19.13 -24.86
N LEU B 302 13.50 -18.40 -24.18
CA LEU B 302 12.25 -18.98 -23.74
C LEU B 302 11.37 -19.13 -24.98
N SER B 303 10.57 -20.20 -25.00
CA SER B 303 9.65 -20.40 -26.11
C SER B 303 8.42 -19.57 -25.80
N VAL B 304 7.53 -19.43 -26.78
CA VAL B 304 6.30 -18.70 -26.52
C VAL B 304 5.54 -19.31 -25.32
N GLU B 305 5.49 -20.63 -25.25
CA GLU B 305 4.80 -21.34 -24.17
C GLU B 305 5.38 -21.01 -22.80
N GLN B 306 6.70 -21.07 -22.68
CA GLN B 306 7.39 -20.72 -21.43
C GLN B 306 7.15 -19.23 -21.04
N LEU B 307 7.05 -18.34 -22.05
CA LEU B 307 6.78 -16.93 -21.75
C LEU B 307 5.37 -16.84 -21.16
N VAL B 308 4.42 -17.55 -21.76
CA VAL B 308 3.04 -17.50 -21.25
C VAL B 308 2.98 -18.02 -19.82
N TYR B 309 3.57 -19.18 -19.58
CA TYR B 309 3.57 -19.76 -18.26
C TYR B 309 4.25 -18.84 -17.25
N THR B 310 5.35 -18.23 -17.67
CA THR B 310 6.08 -17.33 -16.81
C THR B 310 5.14 -16.20 -16.44
N LEU B 311 4.50 -15.59 -17.44
CA LEU B 311 3.60 -14.49 -17.18
C LEU B 311 2.45 -14.87 -16.24
N VAL B 312 1.86 -16.04 -16.46
CA VAL B 312 0.73 -16.46 -15.65
C VAL B 312 1.17 -16.64 -14.22
N ASP B 313 2.30 -17.31 -14.02
CA ASP B 313 2.80 -17.57 -12.67
C ASP B 313 3.01 -16.25 -11.95
N VAL B 314 3.69 -15.33 -12.64
CA VAL B 314 3.96 -14.04 -12.06
C VAL B 314 2.68 -13.33 -11.64
N VAL B 315 1.74 -13.24 -12.55
CA VAL B 315 0.51 -12.55 -12.29
C VAL B 315 -0.38 -13.10 -11.19
N SER B 316 -0.40 -14.42 -11.09
CA SER B 316 -1.19 -15.12 -10.08
C SER B 316 -0.57 -14.83 -8.71
N LYS B 317 0.68 -14.36 -8.72
CA LYS B 317 1.33 -14.09 -7.45
C LYS B 317 1.35 -12.60 -7.15
N GLY B 318 0.60 -11.82 -7.93
CA GLY B 318 0.53 -10.37 -7.75
C GLY B 318 1.59 -9.54 -8.46
N GLY B 319 2.41 -10.16 -9.30
CA GLY B 319 3.43 -9.37 -9.97
C GLY B 319 3.10 -8.96 -11.40
N ASN B 320 3.95 -8.12 -11.97
CA ASN B 320 3.83 -7.70 -13.38
C ASN B 320 5.07 -8.38 -14.01
N LEU B 321 5.01 -8.71 -15.29
CA LEU B 321 6.20 -9.23 -15.96
C LEU B 321 6.77 -8.08 -16.80
N LEU B 322 8.05 -7.81 -16.59
CA LEU B 322 8.77 -6.82 -17.39
C LEU B 322 9.74 -7.65 -18.27
N LEU B 323 9.30 -7.93 -19.49
CA LEU B 323 10.11 -8.74 -20.42
C LEU B 323 11.10 -7.93 -21.23
N ASN B 324 12.39 -8.29 -21.16
CA ASN B 324 13.39 -7.56 -21.92
C ASN B 324 13.64 -8.00 -23.39
N VAL B 325 13.72 -6.99 -24.24
CA VAL B 325 14.03 -7.14 -25.65
C VAL B 325 15.45 -6.51 -25.85
N GLY B 326 16.30 -7.14 -26.66
CA GLY B 326 17.66 -6.62 -26.91
C GLY B 326 17.78 -6.26 -28.39
N PRO B 327 17.53 -5.01 -28.78
CA PRO B 327 17.64 -4.69 -30.21
C PRO B 327 19.08 -4.58 -30.73
N LYS B 328 19.22 -4.61 -32.06
CA LYS B 328 20.53 -4.48 -32.71
C LYS B 328 20.91 -3.01 -32.78
N GLY B 329 22.19 -2.79 -33.10
CA GLY B 329 22.73 -1.44 -33.26
C GLY B 329 22.00 -0.65 -34.33
N ASP B 330 21.48 -1.33 -35.37
CA ASP B 330 20.76 -0.57 -36.43
C ASP B 330 19.30 -0.26 -36.05
N GLY B 331 18.87 -0.67 -34.84
CA GLY B 331 17.53 -0.39 -34.44
C GLY B 331 16.52 -1.45 -34.80
N THR B 332 16.94 -2.61 -35.30
CA THR B 332 15.92 -3.57 -35.61
C THR B 332 15.83 -4.54 -34.44
N ILE B 333 14.69 -5.18 -34.34
CA ILE B 333 14.53 -6.16 -33.31
C ILE B 333 14.71 -7.53 -33.97
N PRO B 334 15.71 -8.31 -33.54
CA PRO B 334 15.92 -9.63 -34.15
C PRO B 334 14.65 -10.50 -34.21
N ASP B 335 14.46 -11.16 -35.35
CA ASP B 335 13.33 -12.05 -35.62
C ASP B 335 13.00 -13.05 -34.53
N LEU B 336 14.01 -13.68 -33.92
CA LEU B 336 13.74 -14.65 -32.84
C LEU B 336 12.97 -13.98 -31.68
N GLN B 337 13.35 -12.74 -31.38
CA GLN B 337 12.69 -12.02 -30.28
C GLN B 337 11.32 -11.55 -30.69
N LYS B 338 11.23 -10.97 -31.88
CA LYS B 338 9.95 -10.49 -32.41
C LYS B 338 8.92 -11.64 -32.49
N GLU B 339 9.32 -12.83 -32.94
CA GLU B 339 8.38 -13.95 -33.03
C GLU B 339 7.87 -14.36 -31.65
N ARG B 340 8.75 -14.34 -30.66
CA ARG B 340 8.31 -14.68 -29.32
C ARG B 340 7.38 -13.59 -28.80
N LEU B 341 7.63 -12.33 -29.12
CA LEU B 341 6.72 -11.26 -28.66
C LEU B 341 5.33 -11.38 -29.30
N LEU B 342 5.29 -11.68 -30.59
CA LEU B 342 4.01 -11.82 -31.26
C LEU B 342 3.27 -13.06 -30.74
N GLY B 343 4.01 -14.12 -30.49
CA GLY B 343 3.38 -15.33 -29.98
C GLY B 343 2.66 -15.03 -28.69
N LEU B 344 3.34 -14.29 -27.79
CA LEU B 344 2.76 -13.92 -26.48
C LEU B 344 1.58 -13.00 -26.67
N GLY B 345 1.77 -12.04 -27.57
CA GLY B 345 0.67 -11.11 -27.81
C GLY B 345 -0.59 -11.82 -28.29
N GLU B 346 -0.42 -12.92 -29.05
CA GLU B 346 -1.55 -13.70 -29.57
C GLU B 346 -2.28 -14.40 -28.44
N TRP B 347 -1.50 -14.99 -27.53
CA TRP B 347 -2.10 -15.67 -26.41
C TRP B 347 -2.90 -14.64 -25.56
N LEU B 348 -2.29 -13.46 -25.35
CA LEU B 348 -2.90 -12.40 -24.56
C LEU B 348 -4.15 -11.87 -25.21
N ARG B 349 -4.18 -11.85 -26.54
CA ARG B 349 -5.36 -11.33 -27.22
C ARG B 349 -6.55 -12.29 -26.97
N LYS B 350 -6.27 -13.57 -26.71
CA LYS B 350 -7.33 -14.51 -26.43
C LYS B 350 -7.67 -14.56 -24.93
N TYR B 351 -6.63 -14.60 -24.09
CA TYR B 351 -6.83 -14.75 -22.65
C TYR B 351 -6.64 -13.54 -21.76
N GLY B 352 -6.38 -12.38 -22.38
CA GLY B 352 -6.16 -11.15 -21.64
C GLY B 352 -7.13 -10.81 -20.53
N ASP B 353 -8.41 -11.17 -20.66
CA ASP B 353 -9.37 -10.85 -19.61
C ASP B 353 -9.09 -11.57 -18.29
N ALA B 354 -8.38 -12.68 -18.34
CA ALA B 354 -8.01 -13.45 -17.15
C ALA B 354 -6.64 -12.99 -16.60
N ILE B 355 -6.10 -11.92 -17.18
CA ILE B 355 -4.79 -11.41 -16.81
C ILE B 355 -4.85 -9.94 -16.42
N TYR B 356 -5.03 -9.07 -17.40
CA TYR B 356 -5.11 -7.64 -17.15
C TYR B 356 -6.19 -7.27 -16.11
N GLY B 357 -5.90 -6.34 -15.22
CA GLY B 357 -6.89 -5.90 -14.26
C GLY B 357 -7.29 -6.94 -13.24
N THR B 358 -6.57 -8.04 -13.16
CA THR B 358 -6.95 -9.04 -12.16
C THR B 358 -6.27 -8.77 -10.82
N SER B 359 -6.70 -9.54 -9.80
CA SER B 359 -6.16 -9.47 -8.44
C SER B 359 -5.75 -10.87 -8.08
N VAL B 360 -4.96 -11.03 -7.02
CA VAL B 360 -4.60 -12.39 -6.64
C VAL B 360 -5.87 -13.01 -5.97
N TRP B 361 -5.95 -14.31 -5.93
CA TRP B 361 -7.02 -15.02 -5.30
C TRP B 361 -6.55 -15.42 -3.89
N GLU B 362 -7.20 -16.42 -3.26
CA GLU B 362 -6.81 -16.84 -1.88
C GLU B 362 -5.50 -17.58 -1.92
N ARG B 363 -5.28 -18.28 -3.02
CA ARG B 363 -4.06 -19.02 -3.25
C ARG B 363 -3.74 -18.78 -4.75
N CYS B 364 -2.46 -18.92 -5.07
CA CYS B 364 -1.97 -18.68 -6.40
C CYS B 364 -1.93 -19.92 -7.23
N CYS B 365 -1.80 -21.02 -6.52
CA CYS B 365 -1.43 -22.23 -7.19
C CYS B 365 -2.09 -23.57 -6.79
N ALA B 366 -2.10 -24.49 -7.75
CA ALA B 366 -2.59 -25.85 -7.54
C ALA B 366 -2.01 -26.70 -8.65
N LYS B 367 -2.25 -27.99 -8.59
CA LYS B 367 -1.82 -28.89 -9.67
C LYS B 367 -2.82 -30.03 -9.80
N THR B 368 -2.85 -30.65 -10.98
CA THR B 368 -3.77 -31.76 -11.18
C THR B 368 -3.15 -33.04 -10.63
N GLU B 369 -3.94 -34.10 -10.63
CA GLU B 369 -3.50 -35.41 -10.14
C GLU B 369 -2.34 -35.93 -10.99
N ASP B 370 -2.32 -35.58 -12.27
CA ASP B 370 -1.24 -36.01 -13.13
C ASP B 370 -0.13 -34.95 -13.26
N GLY B 371 -0.03 -34.05 -12.29
CA GLY B 371 1.04 -33.05 -12.33
C GLY B 371 0.98 -31.78 -13.18
N THR B 372 -0.16 -31.44 -13.77
CA THR B 372 -0.20 -30.19 -14.53
C THR B 372 -0.36 -29.01 -13.55
N GLU B 373 0.46 -27.98 -13.70
CA GLU B 373 0.34 -26.84 -12.79
C GLU B 373 -0.82 -25.94 -13.12
N ILE B 374 -1.39 -25.34 -12.07
CA ILE B 374 -2.53 -24.45 -12.18
C ILE B 374 -2.29 -23.13 -11.43
N ARG B 375 -2.74 -22.03 -12.00
CA ARG B 375 -2.59 -20.73 -11.36
C ARG B 375 -3.96 -20.08 -11.34
N PHE B 376 -4.20 -19.22 -10.36
CA PHE B 376 -5.47 -18.54 -10.25
C PHE B 376 -5.30 -17.04 -10.27
N THR B 377 -6.32 -16.36 -10.78
CA THR B 377 -6.37 -14.92 -10.79
C THR B 377 -7.84 -14.60 -10.57
N ARG B 378 -8.13 -13.36 -10.23
CA ARG B 378 -9.49 -12.98 -9.90
C ARG B 378 -9.94 -11.61 -10.36
N LYS B 379 -11.24 -11.48 -10.59
CA LYS B 379 -11.91 -10.22 -10.94
C LYS B 379 -13.25 -10.27 -10.20
N CYS B 380 -13.29 -9.66 -9.03
CA CYS B 380 -14.51 -9.67 -8.22
C CYS B 380 -14.99 -11.10 -7.92
N ASN B 381 -16.15 -11.45 -8.48
CA ASN B 381 -16.74 -12.76 -8.24
C ASN B 381 -16.25 -13.85 -9.16
N ARG B 382 -15.50 -13.45 -10.18
CA ARG B 382 -15.01 -14.42 -11.15
C ARG B 382 -13.62 -14.90 -10.79
N ILE B 383 -13.42 -16.20 -10.78
CA ILE B 383 -12.11 -16.74 -10.51
C ILE B 383 -11.56 -17.41 -11.78
N PHE B 384 -10.39 -16.99 -12.26
CA PHE B 384 -9.82 -17.63 -13.44
C PHE B 384 -8.87 -18.77 -13.06
N VAL B 385 -9.09 -19.93 -13.67
CA VAL B 385 -8.31 -21.13 -13.36
C VAL B 385 -7.49 -21.37 -14.61
N ILE B 386 -6.19 -21.08 -14.52
CA ILE B 386 -5.32 -21.17 -15.69
C ILE B 386 -4.35 -22.30 -15.62
N PHE B 387 -4.51 -23.29 -16.52
CA PHE B 387 -3.62 -24.47 -16.56
C PHE B 387 -2.36 -24.16 -17.37
N LEU B 388 -1.22 -24.52 -16.81
CA LEU B 388 0.01 -24.29 -17.54
C LEU B 388 0.19 -25.54 -18.42
N GLY B 389 -0.56 -25.56 -19.51
CA GLY B 389 -0.57 -26.72 -20.38
C GLY B 389 -2.04 -27.07 -20.63
N ILE B 390 -2.30 -28.04 -21.50
CA ILE B 390 -3.69 -28.41 -21.78
C ILE B 390 -3.82 -29.92 -21.53
N PRO B 391 -4.62 -30.30 -20.53
CA PRO B 391 -4.76 -31.72 -20.27
C PRO B 391 -5.28 -32.46 -21.51
N THR B 392 -4.90 -33.73 -21.66
CA THR B 392 -5.32 -34.54 -22.80
C THR B 392 -6.67 -35.25 -22.53
N GLY B 393 -6.89 -35.73 -21.31
CA GLY B 393 -8.15 -36.41 -21.02
C GLY B 393 -9.20 -35.44 -20.53
N GLU B 394 -10.48 -35.76 -20.76
CA GLU B 394 -11.60 -34.90 -20.34
C GLU B 394 -11.81 -34.86 -18.83
N LYS B 395 -11.46 -35.94 -18.15
CA LYS B 395 -11.64 -35.97 -16.70
C LYS B 395 -10.42 -35.30 -16.06
N ILE B 396 -10.66 -34.27 -15.25
CA ILE B 396 -9.58 -33.56 -14.61
C ILE B 396 -9.71 -33.51 -13.10
N VAL B 397 -8.68 -33.99 -12.42
CA VAL B 397 -8.69 -33.95 -10.97
C VAL B 397 -7.67 -32.95 -10.38
N ILE B 398 -8.19 -31.86 -9.81
CA ILE B 398 -7.33 -30.85 -9.19
C ILE B 398 -7.21 -31.21 -7.73
N GLU B 399 -5.96 -31.44 -7.31
CA GLU B 399 -5.66 -31.82 -5.96
C GLU B 399 -5.91 -30.72 -4.93
N ASP B 400 -6.32 -31.13 -3.74
CA ASP B 400 -6.53 -30.20 -2.64
C ASP B 400 -7.23 -28.92 -2.99
N LEU B 401 -8.45 -29.01 -3.51
CA LEU B 401 -9.22 -27.83 -3.83
C LEU B 401 -10.69 -28.17 -3.84
N ASN B 402 -11.51 -27.28 -3.31
CA ASN B 402 -12.97 -27.41 -3.30
C ASN B 402 -13.49 -26.03 -3.65
N LEU B 403 -14.60 -25.96 -4.36
CA LEU B 403 -15.15 -24.67 -4.74
C LEU B 403 -16.54 -24.51 -4.18
N SER B 404 -16.81 -23.33 -3.66
CA SER B 404 -18.12 -23.03 -3.11
C SER B 404 -18.84 -22.19 -4.15
N ALA B 405 -18.44 -22.31 -5.41
CA ALA B 405 -19.08 -21.56 -6.46
C ALA B 405 -20.30 -22.36 -6.87
N GLY B 406 -21.08 -21.84 -7.80
CA GLY B 406 -22.23 -22.57 -8.25
C GLY B 406 -22.01 -22.85 -9.72
N THR B 407 -20.92 -22.32 -10.28
CA THR B 407 -20.67 -22.53 -11.68
C THR B 407 -19.24 -22.36 -12.22
N VAL B 408 -18.82 -23.35 -13.01
CA VAL B 408 -17.53 -23.39 -13.65
C VAL B 408 -17.78 -23.42 -15.17
N ARG B 409 -17.21 -22.46 -15.88
CA ARG B 409 -17.34 -22.35 -17.33
C ARG B 409 -16.00 -22.48 -18.01
N HIS B 410 -16.04 -22.91 -19.26
CA HIS B 410 -14.84 -22.99 -20.04
C HIS B 410 -14.74 -21.54 -20.48
N PHE B 411 -13.61 -20.91 -20.17
CA PHE B 411 -13.41 -19.49 -20.44
C PHE B 411 -13.61 -19.02 -21.88
N LEU B 412 -12.92 -19.66 -22.82
CA LEU B 412 -12.98 -19.18 -24.19
C LEU B 412 -14.38 -19.29 -24.85
N THR B 413 -15.05 -20.42 -24.67
CA THR B 413 -16.38 -20.64 -25.25
C THR B 413 -17.51 -20.17 -24.35
N GLY B 414 -17.21 -20.06 -23.05
CA GLY B 414 -18.20 -19.63 -22.08
C GLY B 414 -19.12 -20.75 -21.65
N GLU B 415 -18.82 -21.97 -22.07
CA GLU B 415 -19.67 -23.13 -21.76
C GLU B 415 -19.67 -23.67 -20.33
N ARG B 416 -20.87 -23.73 -19.76
CA ARG B 416 -21.03 -24.25 -18.41
C ARG B 416 -20.46 -25.66 -18.37
N LEU B 417 -19.79 -26.00 -17.27
CA LEU B 417 -19.18 -27.31 -17.12
C LEU B 417 -19.65 -28.01 -15.85
N SER B 418 -19.51 -29.33 -15.89
CA SER B 418 -19.89 -30.19 -14.80
C SER B 418 -18.70 -30.46 -13.92
N PHE B 419 -18.87 -30.22 -12.65
CA PHE B 419 -17.81 -30.42 -11.68
C PHE B 419 -18.41 -30.75 -10.32
N LYS B 420 -17.57 -31.37 -9.48
CA LYS B 420 -17.99 -31.67 -8.13
C LYS B 420 -16.78 -31.81 -7.18
N ASN B 421 -16.97 -31.33 -5.95
CA ASN B 421 -15.93 -31.45 -4.92
C ASN B 421 -15.99 -32.90 -4.50
N VAL B 422 -14.92 -33.63 -4.74
CA VAL B 422 -14.87 -35.04 -4.39
C VAL B 422 -13.86 -35.21 -3.26
N GLY B 423 -14.33 -34.98 -2.04
CA GLY B 423 -13.44 -35.11 -0.91
C GLY B 423 -12.60 -33.86 -0.86
N LYS B 424 -11.28 -34.04 -0.87
CA LYS B 424 -10.35 -32.91 -0.81
C LYS B 424 -9.90 -32.43 -2.20
N ASN B 425 -10.46 -33.04 -3.25
CA ASN B 425 -10.13 -32.66 -4.62
C ASN B 425 -11.32 -32.04 -5.36
N LEU B 426 -11.07 -31.62 -6.59
CA LEU B 426 -12.11 -31.04 -7.43
C LEU B 426 -12.02 -31.70 -8.79
N GLU B 427 -13.16 -32.22 -9.25
CA GLU B 427 -13.25 -32.91 -10.52
C GLU B 427 -14.12 -32.12 -11.44
N ILE B 428 -13.61 -31.99 -12.66
CA ILE B 428 -14.28 -31.20 -13.69
C ILE B 428 -14.16 -32.03 -14.96
N THR B 429 -15.21 -31.98 -15.77
CA THR B 429 -15.21 -32.70 -17.03
C THR B 429 -15.09 -31.64 -18.09
N VAL B 430 -14.03 -31.74 -18.87
CA VAL B 430 -13.84 -30.77 -19.94
C VAL B 430 -13.94 -31.51 -21.26
N PRO B 431 -15.05 -31.33 -21.98
CA PRO B 431 -15.27 -31.98 -23.30
C PRO B 431 -14.01 -31.76 -24.15
N LYS B 432 -13.57 -32.82 -24.83
CA LYS B 432 -12.38 -32.73 -25.66
C LYS B 432 -12.47 -31.64 -26.73
N LYS B 433 -13.68 -31.30 -27.16
CA LYS B 433 -13.86 -30.28 -28.18
C LYS B 433 -13.36 -28.97 -27.59
N LEU B 434 -13.77 -28.70 -26.36
CA LEU B 434 -13.37 -27.48 -25.69
C LEU B 434 -11.84 -27.48 -25.50
N LEU B 435 -11.30 -28.54 -24.92
CA LEU B 435 -9.87 -28.68 -24.74
C LEU B 435 -9.11 -28.36 -26.04
N GLU B 436 -9.74 -28.69 -27.16
CA GLU B 436 -9.09 -28.48 -28.44
C GLU B 436 -9.21 -27.06 -28.94
N THR B 437 -10.06 -26.27 -28.31
CA THR B 437 -10.18 -24.89 -28.76
C THR B 437 -9.15 -23.97 -28.06
N ASP B 438 -8.60 -24.44 -26.95
CA ASP B 438 -7.62 -23.64 -26.24
C ASP B 438 -6.24 -23.67 -26.90
N SER B 439 -5.43 -22.66 -26.57
CA SER B 439 -4.07 -22.52 -27.08
C SER B 439 -3.11 -22.37 -25.89
N ILE B 440 -2.21 -23.33 -25.72
CA ILE B 440 -1.22 -23.32 -24.65
C ILE B 440 -1.77 -23.55 -23.24
N THR B 441 -2.86 -22.88 -22.91
CA THR B 441 -3.43 -23.02 -21.59
C THR B 441 -4.93 -23.31 -21.60
N LEU B 442 -5.34 -24.33 -20.87
CA LEU B 442 -6.75 -24.61 -20.72
C LEU B 442 -7.14 -23.57 -19.70
N VAL B 443 -8.17 -22.79 -19.97
CA VAL B 443 -8.60 -21.82 -18.99
C VAL B 443 -10.07 -21.98 -18.63
N LEU B 444 -10.34 -21.99 -17.33
CA LEU B 444 -11.68 -22.12 -16.81
C LEU B 444 -12.03 -20.87 -16.04
N GLU B 445 -13.33 -20.64 -15.93
CA GLU B 445 -13.85 -19.51 -15.20
C GLU B 445 -14.91 -19.99 -14.21
N ALA B 446 -14.69 -19.68 -12.94
CA ALA B 446 -15.62 -20.07 -11.91
C ALA B 446 -16.26 -18.81 -11.34
N VAL B 447 -17.58 -18.84 -11.10
CA VAL B 447 -18.28 -17.69 -10.50
C VAL B 447 -18.96 -18.04 -9.17
CAA ZXD C . -6.94 11.72 19.52
CAH ZXD C . -6.82 11.32 20.99
CAB ZXD C . -6.13 9.96 21.07
CAL ZXD C . -6.05 12.40 21.76
NAG ZXD C . -4.63 12.38 21.37
CAF ZXD C . -3.91 13.51 21.99
CAI ZXD C . -3.97 13.35 23.52
OAC ZXD C . -3.25 14.39 24.17
CAJ ZXD C . -5.43 13.39 23.97
OAD ZXD C . -5.52 13.24 25.38
CAK ZXD C . -6.20 12.24 23.28
OAE ZXD C . -5.63 11.01 23.69
CAA ZXD D . 17.64 -7.00 -14.35
CAH ZXD D . 18.37 -6.14 -15.39
CAB ZXD D . 17.85 -4.70 -15.27
CAL ZXD D . 19.88 -6.22 -15.14
NAG ZXD D . 20.22 -5.49 -13.91
CAF ZXD D . 21.64 -5.67 -13.56
CAI ZXD D . 22.51 -5.13 -14.69
OAC ZXD D . 23.90 -5.32 -14.39
CAJ ZXD D . 22.20 -5.87 -15.99
OAD ZXD D . 23.01 -5.34 -17.04
CAK ZXD D . 20.71 -5.68 -16.31
OAE ZXD D . 20.48 -4.28 -16.51
#